data_3S82
#
_entry.id   3S82
#
_cell.length_a   60.030
_cell.length_b   88.180
_cell.length_c   184.190
_cell.angle_alpha   90.000
_cell.angle_beta   90.000
_cell.angle_gamma   90.000
#
_symmetry.space_group_name_H-M   'P 2 21 21'
#
loop_
_entity.id
_entity.type
_entity.pdbx_description
1 polymer 'S-adenosylmethionine synthase'
2 non-polymer 'CALCIUM ION'
3 non-polymer 'UNKNOWN LIGAND'
4 non-polymer GLYCEROL
5 non-polymer 1,2-ETHANEDIOL
6 water water
#
_entity_poly.entity_id   1
_entity_poly.type   'polypeptide(L)'
_entity_poly.pdbx_seq_one_letter_code
;GPGSMSEKGRLFTSESVTEGHPDKICDAISDSVLDALLAQDPRSRVAVETLVTTGQVHVVGEVTTTAKEAFADITNTVRE
RILDIGYDSSDKGFDGASCGVNIGIGAQSPDIAQGVDTAHETRVEGAADPLDAQGAGDQGLMFGYAINDTPERMPLPIAL
AHRLSRRLTEVRKNGVLPYLRPDGKTQVTIEFEDDVPVRLDTVVISTQHAADIDLENTLTPDIREKVLNTVLNDLAHDTL
DTSSTRLLVNPTGKFVVGGPMGDAGLTGRKIIVDTYGGWARHGGGAFSGKDPSKVDRSAAYAMRWVAKNIVAAGLAERVE
VQVAYAIGKAAPVGLFIETFGTATVDPVKIEKIVPEVFDLRPGAIIRDLDLLRPIYAQTAAYGHFGRTDVELPWEQLNKV
DDLKRAI
;
_entity_poly.pdbx_strand_id   A,B
#
loop_
_chem_comp.id
_chem_comp.type
_chem_comp.name
_chem_comp.formula
CA non-polymer 'CALCIUM ION' 'Ca 2'
EDO non-polymer 1,2-ETHANEDIOL 'C2 H6 O2'
GOL non-polymer GLYCEROL 'C3 H8 O3'
UNL non-polymer 'UNKNOWN LIGAND' ?
#
# COMPACT_ATOMS: atom_id res chain seq x y z
N GLY A 9 -26.18 -11.38 -0.74
CA GLY A 9 -25.17 -11.43 -1.84
C GLY A 9 -24.05 -10.47 -1.56
N ARG A 10 -22.82 -10.98 -1.52
CA ARG A 10 -21.63 -10.17 -1.26
C ARG A 10 -21.36 -9.26 -2.45
N LEU A 11 -21.00 -8.02 -2.14
CA LEU A 11 -20.52 -7.07 -3.14
C LEU A 11 -19.01 -6.97 -2.98
N PHE A 12 -18.31 -6.79 -4.10
CA PHE A 12 -16.89 -6.45 -4.06
C PHE A 12 -16.57 -5.40 -5.12
N THR A 13 -15.81 -4.38 -4.72
CA THR A 13 -15.43 -3.29 -5.60
C THR A 13 -13.92 -3.16 -5.71
N SER A 14 -13.44 -3.02 -6.94
CA SER A 14 -12.04 -2.70 -7.18
C SER A 14 -11.96 -1.57 -8.16
N GLU A 15 -10.81 -0.92 -8.20
CA GLU A 15 -10.57 0.18 -9.11
C GLU A 15 -9.27 0.11 -9.87
N SER A 16 -9.23 0.85 -10.97
CA SER A 16 -8.03 1.05 -11.74
C SER A 16 -7.98 2.50 -12.18
N VAL A 17 -6.79 2.95 -12.59
CA VAL A 17 -6.60 4.30 -13.08
C VAL A 17 -5.79 4.25 -14.37
N THR A 18 -5.93 5.26 -15.21
CA THR A 18 -5.17 5.34 -16.45
C THR A 18 -3.75 5.79 -16.13
N GLU A 19 -2.89 5.69 -17.13
CA GLU A 19 -1.54 6.23 -17.08
C GLU A 19 -1.47 7.74 -16.85
N GLY A 20 -2.58 8.44 -17.04
CA GLY A 20 -2.65 9.87 -16.83
C GLY A 20 -3.01 10.29 -15.42
N HIS A 21 -3.37 9.33 -14.56
CA HIS A 21 -3.62 9.64 -13.16
C HIS A 21 -2.29 10.08 -12.52
N PRO A 22 -2.29 11.15 -11.71
CA PRO A 22 -0.98 11.66 -11.24
C PRO A 22 -0.09 10.66 -10.49
N ASP A 23 -0.68 9.78 -9.69
CA ASP A 23 0.12 8.75 -9.01
C ASP A 23 0.74 7.80 -10.06
N LYS A 24 -0.02 7.47 -11.11
CA LYS A 24 0.50 6.62 -12.17
C LYS A 24 1.52 7.32 -13.05
N ILE A 25 1.38 8.63 -13.24
CA ILE A 25 2.44 9.39 -13.90
C ILE A 25 3.79 9.16 -13.17
N CYS A 26 3.75 9.23 -11.84
CA CYS A 26 4.94 9.05 -11.04
C CYS A 26 5.49 7.63 -11.15
N ASP A 27 4.61 6.64 -11.06
CA ASP A 27 5.06 5.24 -11.20
C ASP A 27 5.73 5.05 -12.55
N ALA A 28 5.12 5.62 -13.59
CA ALA A 28 5.68 5.47 -14.97
C ALA A 28 7.02 6.17 -15.16
N ILE A 29 7.16 7.37 -14.60
CA ILE A 29 8.44 8.09 -14.66
C ILE A 29 9.53 7.31 -13.89
N SER A 30 9.21 6.82 -12.71
CA SER A 30 10.17 6.06 -11.92
C SER A 30 10.67 4.83 -12.70
N ASP A 31 9.75 4.09 -13.30
CA ASP A 31 10.11 2.89 -14.06
C ASP A 31 10.69 3.21 -15.45
N SER A 32 10.42 4.39 -15.99
CA SER A 32 11.07 4.84 -17.23
C SER A 32 12.54 5.14 -16.98
N VAL A 33 12.85 5.77 -15.84
CA VAL A 33 14.24 5.95 -15.40
C VAL A 33 14.93 4.59 -15.17
N LEU A 34 14.25 3.68 -14.48
CA LEU A 34 14.76 2.33 -14.30
C LEU A 34 15.12 1.69 -15.65
N ASP A 35 14.16 1.68 -16.59
CA ASP A 35 14.37 1.01 -17.88
C ASP A 35 15.54 1.64 -18.64
N ALA A 36 15.63 2.97 -18.59
CA ALA A 36 16.71 3.71 -19.28
C ALA A 36 18.08 3.25 -18.79
N LEU A 37 18.20 3.07 -17.47
CA LEU A 37 19.46 2.65 -16.88
C LEU A 37 19.71 1.18 -17.18
N LEU A 38 18.70 0.33 -17.06
CA LEU A 38 18.89 -1.11 -17.32
C LEU A 38 19.26 -1.40 -18.76
N ALA A 39 18.75 -0.58 -19.69
CA ALA A 39 19.05 -0.74 -21.10
C ALA A 39 20.57 -0.67 -21.36
N GLN A 40 21.28 0.16 -20.59
CA GLN A 40 22.74 0.35 -20.76
C GLN A 40 23.53 -0.45 -19.73
N ASP A 41 22.99 -0.60 -18.51
CA ASP A 41 23.67 -1.33 -17.43
C ASP A 41 22.64 -2.21 -16.72
N PRO A 42 22.56 -3.49 -17.10
CA PRO A 42 21.54 -4.40 -16.57
C PRO A 42 21.62 -4.62 -15.08
N ARG A 43 22.78 -4.37 -14.48
CA ARG A 43 22.98 -4.58 -13.06
C ARG A 43 22.89 -3.30 -12.20
N SER A 44 22.37 -2.23 -12.80
CA SER A 44 22.12 -0.99 -12.09
C SER A 44 21.27 -1.22 -10.85
N ARG A 45 21.64 -0.57 -9.77
CA ARG A 45 20.84 -0.56 -8.57
C ARG A 45 20.08 0.76 -8.57
N VAL A 46 18.77 0.69 -8.39
CA VAL A 46 17.90 1.85 -8.61
C VAL A 46 16.81 1.90 -7.54
N ALA A 47 16.63 3.08 -6.95
CA ALA A 47 15.63 3.33 -5.94
C ALA A 47 15.18 4.77 -6.20
N VAL A 48 14.27 4.94 -7.17
CA VAL A 48 13.94 6.27 -7.70
C VAL A 48 12.46 6.56 -7.46
N GLU A 49 12.21 7.69 -6.80
CA GLU A 49 10.88 8.13 -6.42
C GLU A 49 10.53 9.40 -7.19
N THR A 50 9.28 9.54 -7.60
CA THR A 50 8.83 10.71 -8.34
C THR A 50 7.65 11.37 -7.63
N LEU A 51 7.66 12.70 -7.64
CA LEU A 51 6.58 13.53 -7.18
C LEU A 51 6.12 14.43 -8.32
N VAL A 52 4.82 14.60 -8.47
CA VAL A 52 4.28 15.60 -9.38
C VAL A 52 3.29 16.45 -8.61
N THR A 53 3.25 17.73 -8.95
CA THR A 53 2.15 18.61 -8.54
C THR A 53 2.00 19.65 -9.65
N THR A 54 1.13 20.63 -9.47
CA THR A 54 0.88 21.63 -10.53
C THR A 54 2.17 22.08 -11.19
N GLY A 55 2.29 21.79 -12.49
CA GLY A 55 3.40 22.29 -13.29
C GLY A 55 4.79 21.77 -13.01
N GLN A 56 4.94 20.73 -12.20
CA GLN A 56 6.30 20.30 -11.86
C GLN A 56 6.43 18.83 -11.50
N VAL A 57 7.63 18.34 -11.81
CA VAL A 57 8.08 16.99 -11.51
C VAL A 57 9.35 17.06 -10.68
N HIS A 58 9.44 16.23 -9.64
CA HIS A 58 10.64 16.13 -8.80
C HIS A 58 11.00 14.65 -8.74
N VAL A 59 12.17 14.30 -9.25
CA VAL A 59 12.62 12.91 -9.28
C VAL A 59 13.81 12.80 -8.34
N VAL A 60 13.67 11.92 -7.35
CA VAL A 60 14.72 11.78 -6.35
C VAL A 60 15.06 10.33 -6.11
N GLY A 61 16.07 10.10 -5.28
CA GLY A 61 16.45 8.75 -4.86
C GLY A 61 17.93 8.51 -5.04
N GLU A 62 18.27 7.24 -5.28
CA GLU A 62 19.65 6.85 -5.43
C GLU A 62 19.81 5.80 -6.51
N VAL A 63 20.94 5.87 -7.19
CA VAL A 63 21.29 4.92 -8.24
CA VAL A 63 21.30 4.97 -8.28
C VAL A 63 22.78 4.60 -8.17
N THR A 64 23.10 3.35 -8.45
CA THR A 64 24.46 2.89 -8.67
C THR A 64 24.43 2.34 -10.09
N THR A 65 25.23 2.91 -10.97
CA THR A 65 25.16 2.52 -12.38
C THR A 65 26.42 2.90 -13.12
N THR A 66 26.69 2.15 -14.20
CA THR A 66 27.69 2.54 -15.19
C THR A 66 27.08 3.31 -16.36
N ALA A 67 25.75 3.43 -16.37
CA ALA A 67 25.02 4.05 -17.47
C ALA A 67 24.97 5.58 -17.31
N LYS A 68 26.15 6.22 -17.39
CA LYS A 68 26.26 7.66 -17.15
C LYS A 68 25.53 8.48 -18.22
N GLU A 69 25.58 8.06 -19.49
CA GLU A 69 24.88 8.78 -20.56
C GLU A 69 23.37 8.73 -20.36
N ALA A 70 22.84 7.57 -19.98
CA ALA A 70 21.41 7.46 -19.69
C ALA A 70 21.05 8.32 -18.46
N PHE A 71 21.91 8.32 -17.47
CA PHE A 71 21.66 9.15 -16.27
C PHE A 71 21.61 10.64 -16.67
N ALA A 72 22.56 11.07 -17.50
CA ALA A 72 22.58 12.45 -17.99
C ALA A 72 21.29 12.81 -18.73
N ASP A 73 20.69 11.84 -19.43
CA ASP A 73 19.49 12.06 -20.24
CA ASP A 73 19.50 12.12 -20.24
C ASP A 73 18.18 11.95 -19.46
N ILE A 74 18.26 11.75 -18.14
CA ILE A 74 17.03 11.49 -17.36
C ILE A 74 16.00 12.61 -17.55
N THR A 75 16.45 13.86 -17.53
CA THR A 75 15.53 14.98 -17.70
CA THR A 75 15.50 14.95 -17.70
C THR A 75 14.67 14.81 -18.97
N ASN A 76 15.31 14.40 -20.08
CA ASN A 76 14.60 14.20 -21.33
C ASN A 76 13.72 12.93 -21.31
N THR A 77 14.18 11.88 -20.65
CA THR A 77 13.35 10.68 -20.44
C THR A 77 12.03 11.01 -19.72
N VAL A 78 12.11 11.90 -18.74
CA VAL A 78 10.94 12.35 -17.98
C VAL A 78 9.94 13.07 -18.90
N ARG A 79 10.44 14.05 -19.65
CA ARG A 79 9.61 14.83 -20.57
C ARG A 79 8.93 13.92 -21.60
N GLU A 80 9.72 13.02 -22.19
CA GLU A 80 9.22 12.12 -23.19
C GLU A 80 8.12 11.20 -22.66
N ARG A 81 8.27 10.69 -21.44
CA ARG A 81 7.23 9.85 -20.84
C ARG A 81 5.93 10.63 -20.65
N ILE A 82 6.04 11.84 -20.14
CA ILE A 82 4.87 12.70 -19.95
C ILE A 82 4.15 13.02 -21.27
N LEU A 83 4.93 13.29 -22.31
CA LEU A 83 4.36 13.50 -23.64
C LEU A 83 3.70 12.23 -24.18
N ASP A 84 4.31 11.07 -23.96
CA ASP A 84 3.73 9.79 -24.39
CA ASP A 84 3.75 9.78 -24.38
C ASP A 84 2.39 9.49 -23.71
N ILE A 85 2.28 9.86 -22.44
CA ILE A 85 1.04 9.74 -21.68
C ILE A 85 -0.07 10.62 -22.31
N GLY A 86 0.34 11.74 -22.90
CA GLY A 86 -0.54 12.59 -23.66
C GLY A 86 -0.66 14.01 -23.11
N TYR A 87 0.17 14.34 -22.12
CA TYR A 87 0.15 15.68 -21.55
C TYR A 87 1.08 16.59 -22.34
N ASP A 88 0.48 17.37 -23.24
CA ASP A 88 1.25 18.20 -24.17
C ASP A 88 0.72 19.63 -24.29
N SER A 89 0.01 20.10 -23.27
CA SER A 89 -0.58 21.44 -23.28
C SER A 89 -1.06 21.88 -21.91
N SER A 90 -0.84 23.14 -21.59
CA SER A 90 -1.41 23.74 -20.38
C SER A 90 -2.94 23.63 -20.35
N ASP A 91 -3.58 23.63 -21.52
CA ASP A 91 -5.04 23.46 -21.60
C ASP A 91 -5.49 22.12 -21.02
N LYS A 92 -4.62 21.10 -21.09
CA LYS A 92 -4.90 19.78 -20.53
C LYS A 92 -4.52 19.67 -19.07
N GLY A 93 -3.87 20.71 -18.54
CA GLY A 93 -3.45 20.76 -17.15
C GLY A 93 -1.95 20.52 -16.99
N PHE A 94 -1.27 20.07 -18.05
CA PHE A 94 0.12 19.64 -17.90
C PHE A 94 0.77 19.46 -19.27
N ASP A 95 2.02 19.92 -19.41
CA ASP A 95 2.75 19.85 -20.66
C ASP A 95 4.18 19.33 -20.40
N GLY A 96 4.44 18.11 -20.84
CA GLY A 96 5.75 17.50 -20.70
C GLY A 96 6.89 18.28 -21.33
N ALA A 97 6.61 19.04 -22.39
CA ALA A 97 7.64 19.83 -23.06
C ALA A 97 8.01 21.09 -22.28
N SER A 98 7.14 21.56 -21.41
CA SER A 98 7.34 22.88 -20.77
C SER A 98 7.14 22.93 -19.26
N CYS A 99 6.88 21.78 -18.63
CA CYS A 99 6.71 21.72 -17.18
C CYS A 99 8.07 21.82 -16.48
N GLY A 100 8.05 22.10 -15.20
CA GLY A 100 9.29 22.07 -14.43
C GLY A 100 9.74 20.64 -14.18
N VAL A 101 11.04 20.42 -14.33
CA VAL A 101 11.64 19.09 -14.05
C VAL A 101 12.89 19.30 -13.21
N ASN A 102 12.86 18.79 -11.98
CA ASN A 102 14.00 18.88 -11.06
C ASN A 102 14.46 17.48 -10.69
N ILE A 103 15.76 17.25 -10.78
CA ILE A 103 16.36 15.94 -10.50
C ILE A 103 17.28 16.07 -9.28
N GLY A 104 16.98 15.29 -8.24
CA GLY A 104 17.73 15.26 -6.99
C GLY A 104 18.10 13.81 -6.69
N ILE A 105 18.78 13.17 -7.64
CA ILE A 105 19.15 11.76 -7.52
C ILE A 105 20.64 11.69 -7.20
N GLY A 106 20.98 10.97 -6.13
CA GLY A 106 22.38 10.68 -5.82
C GLY A 106 22.87 9.55 -6.72
N ALA A 107 24.05 9.72 -7.28
CA ALA A 107 24.58 8.76 -8.25
C ALA A 107 25.97 8.33 -7.87
N GLN A 108 26.21 7.02 -7.88
CA GLN A 108 27.56 6.50 -7.73
C GLN A 108 27.84 5.40 -8.76
N SER A 109 29.14 5.14 -8.94
CA SER A 109 29.61 4.00 -9.73
C SER A 109 29.68 2.77 -8.85
N PRO A 110 29.57 1.57 -9.44
CA PRO A 110 29.73 0.34 -8.66
C PRO A 110 31.19 0.09 -8.25
N GLY A 137 20.47 -12.16 3.23
CA GLY A 137 19.14 -11.74 2.77
C GLY A 137 18.40 -10.94 3.82
N ASP A 138 17.09 -11.11 3.91
CA ASP A 138 16.24 -10.43 4.92
C ASP A 138 15.10 -11.34 5.39
N GLN A 139 14.47 -11.02 6.54
CA GLN A 139 13.26 -11.75 6.96
C GLN A 139 12.22 -11.18 6.05
N GLY A 140 11.47 -12.04 5.42
CA GLY A 140 10.54 -11.56 4.44
C GLY A 140 9.37 -12.48 4.34
N LEU A 141 8.25 -11.88 4.01
CA LEU A 141 7.06 -12.58 3.58
C LEU A 141 6.54 -11.88 2.33
N MET A 142 6.06 -12.66 1.36
CA MET A 142 5.47 -12.08 0.16
C MET A 142 4.31 -12.97 -0.28
N PHE A 143 3.25 -12.34 -0.81
CA PHE A 143 2.06 -13.07 -1.22
C PHE A 143 1.92 -13.04 -2.72
N GLY A 144 1.33 -14.09 -3.28
CA GLY A 144 0.83 -14.09 -4.66
C GLY A 144 -0.58 -14.70 -4.66
N TYR A 145 -1.32 -14.40 -5.71
CA TYR A 145 -2.71 -14.86 -5.79
C TYR A 145 -3.10 -15.15 -7.23
N ALA A 146 -3.98 -16.13 -7.39
CA ALA A 146 -4.65 -16.36 -8.70
C ALA A 146 -5.98 -17.05 -8.45
N ILE A 147 -6.87 -16.90 -9.42
CA ILE A 147 -8.25 -17.39 -9.35
C ILE A 147 -8.79 -17.58 -10.76
N ASN A 148 -9.49 -18.67 -10.98
CA ASN A 148 -10.01 -18.98 -12.30
C ASN A 148 -11.34 -18.29 -12.64
N ASP A 149 -11.53 -17.04 -12.20
CA ASP A 149 -12.76 -16.28 -12.51
C ASP A 149 -12.65 -15.47 -13.80
N THR A 150 -11.44 -15.40 -14.38
CA THR A 150 -11.17 -14.67 -15.61
C THR A 150 -10.09 -15.43 -16.39
N PRO A 151 -9.99 -15.16 -17.71
CA PRO A 151 -9.00 -15.82 -18.57
C PRO A 151 -7.58 -15.58 -18.08
N GLU A 152 -7.34 -14.36 -17.58
CA GLU A 152 -6.05 -13.95 -17.06
C GLU A 152 -5.80 -14.43 -15.61
N ARG A 153 -6.75 -15.17 -15.05
CA ARG A 153 -6.63 -15.80 -13.74
C ARG A 153 -6.47 -14.80 -12.59
N MET A 154 -7.23 -13.71 -12.73
CA MET A 154 -7.30 -12.64 -11.75
C MET A 154 -8.68 -12.55 -11.15
N PRO A 155 -8.79 -11.95 -9.96
CA PRO A 155 -10.12 -11.67 -9.46
C PRO A 155 -10.89 -10.79 -10.44
N LEU A 156 -12.20 -11.07 -10.57
CA LEU A 156 -13.01 -10.38 -11.56
C LEU A 156 -13.09 -8.87 -11.33
N PRO A 157 -13.22 -8.40 -10.08
CA PRO A 157 -13.40 -6.94 -10.01
C PRO A 157 -12.19 -6.14 -10.52
N ILE A 158 -10.98 -6.50 -10.10
CA ILE A 158 -9.78 -5.79 -10.58
C ILE A 158 -9.50 -6.12 -12.07
N ALA A 159 -9.76 -7.35 -12.49
CA ALA A 159 -9.56 -7.71 -13.91
C ALA A 159 -10.37 -6.84 -14.82
N LEU A 160 -11.66 -6.68 -14.48
CA LEU A 160 -12.54 -5.87 -15.27
C LEU A 160 -12.16 -4.38 -15.17
N ALA A 161 -11.79 -3.92 -13.98
CA ALA A 161 -11.41 -2.52 -13.82
C ALA A 161 -10.18 -2.17 -14.69
N HIS A 162 -9.18 -3.05 -14.69
CA HIS A 162 -8.00 -2.85 -15.54
C HIS A 162 -8.33 -2.97 -17.04
N ARG A 163 -9.15 -3.95 -17.43
CA ARG A 163 -9.57 -4.02 -18.84
C ARG A 163 -10.22 -2.69 -19.25
N LEU A 164 -11.03 -2.14 -18.38
CA LEU A 164 -11.73 -0.88 -18.71
C LEU A 164 -10.77 0.32 -18.77
N SER A 165 -9.85 0.41 -17.82
CA SER A 165 -8.89 1.53 -17.86
C SER A 165 -7.98 1.42 -19.09
N ARG A 166 -7.54 0.21 -19.44
CA ARG A 166 -6.75 0.02 -20.67
C ARG A 166 -7.54 0.38 -21.92
N ARG A 167 -8.79 -0.03 -21.98
CA ARG A 167 -9.61 0.26 -23.15
C ARG A 167 -9.89 1.75 -23.25
N LEU A 168 -10.08 2.41 -22.10
CA LEU A 168 -10.30 3.86 -22.04
C LEU A 168 -9.14 4.62 -22.67
N THR A 169 -7.92 4.20 -22.34
CA THR A 169 -6.73 4.78 -22.95
C THR A 169 -6.59 4.41 -24.45
N GLU A 170 -6.84 3.15 -24.77
CA GLU A 170 -6.75 2.68 -26.16
C GLU A 170 -7.62 3.52 -27.10
N VAL A 171 -8.85 3.78 -26.71
CA VAL A 171 -9.78 4.53 -27.60
C VAL A 171 -9.42 6.01 -27.76
N ARG A 172 -8.68 6.56 -26.79
CA ARG A 172 -8.08 7.88 -26.91
C ARG A 172 -6.92 7.86 -27.90
N LYS A 173 -5.98 6.95 -27.67
CA LYS A 173 -4.76 6.91 -28.47
C LYS A 173 -4.97 6.47 -29.91
N ASN A 174 -5.96 5.62 -30.16
CA ASN A 174 -6.20 5.10 -31.52
C ASN A 174 -7.16 5.98 -32.33
N GLY A 175 -7.62 7.07 -31.71
CA GLY A 175 -8.45 8.06 -32.39
C GLY A 175 -9.92 7.73 -32.47
N VAL A 176 -10.34 6.60 -31.88
CA VAL A 176 -11.76 6.24 -31.85
C VAL A 176 -12.56 7.31 -31.08
N LEU A 177 -12.06 7.70 -29.91
CA LEU A 177 -12.62 8.85 -29.18
C LEU A 177 -11.51 9.90 -28.97
N PRO A 178 -11.25 10.72 -30.01
CA PRO A 178 -10.10 11.63 -30.03
C PRO A 178 -10.21 12.79 -29.04
N TYR A 179 -11.42 13.09 -28.56
CA TYR A 179 -11.64 14.16 -27.59
C TYR A 179 -11.28 13.82 -26.15
N LEU A 180 -10.94 12.57 -25.88
CA LEU A 180 -10.55 12.16 -24.54
C LEU A 180 -9.18 12.75 -24.20
N ARG A 181 -8.95 12.93 -22.90
CA ARG A 181 -7.65 13.35 -22.40
C ARG A 181 -7.14 12.32 -21.38
N PRO A 182 -5.87 12.44 -20.97
CA PRO A 182 -5.25 11.27 -20.34
C PRO A 182 -5.79 10.76 -19.01
N ASP A 183 -6.21 11.65 -18.09
CA ASP A 183 -6.53 11.26 -16.71
C ASP A 183 -7.87 10.50 -16.71
N GLY A 184 -7.92 9.42 -15.95
CA GLY A 184 -9.16 8.66 -15.82
C GLY A 184 -9.09 7.60 -14.72
N LYS A 185 -10.26 7.08 -14.38
CA LYS A 185 -10.40 6.09 -13.32
C LYS A 185 -11.60 5.20 -13.64
N THR A 186 -11.47 3.91 -13.33
CA THR A 186 -12.56 2.95 -13.46
C THR A 186 -12.84 2.30 -12.11
N GLN A 187 -14.11 2.00 -11.85
CA GLN A 187 -14.51 1.28 -10.65
C GLN A 187 -15.56 0.25 -11.04
N VAL A 188 -15.41 -0.95 -10.48
CA VAL A 188 -16.27 -2.09 -10.80
C VAL A 188 -16.75 -2.73 -9.52
N THR A 189 -18.06 -2.89 -9.40
CA THR A 189 -18.68 -3.55 -8.28
C THR A 189 -19.41 -4.78 -8.81
N ILE A 190 -19.08 -5.94 -8.26
CA ILE A 190 -19.67 -7.21 -8.65
C ILE A 190 -20.39 -7.85 -7.46
N GLU A 191 -21.55 -8.44 -7.74
CA GLU A 191 -22.27 -9.20 -6.73
C GLU A 191 -21.98 -10.69 -6.92
N PHE A 192 -21.71 -11.36 -5.80
CA PHE A 192 -21.39 -12.79 -5.77
C PHE A 192 -22.46 -13.55 -4.99
N GLU A 193 -22.70 -14.79 -5.40
CA GLU A 193 -23.61 -15.69 -4.72
C GLU A 193 -22.87 -17.02 -4.61
N ASP A 194 -22.63 -17.46 -3.38
CA ASP A 194 -21.85 -18.69 -3.11
C ASP A 194 -20.55 -18.73 -3.93
N ASP A 195 -19.81 -17.62 -3.85
CA ASP A 195 -18.53 -17.44 -4.54
C ASP A 195 -18.57 -17.37 -6.07
N VAL A 196 -19.76 -17.44 -6.67
CA VAL A 196 -19.89 -17.29 -8.11
C VAL A 196 -20.22 -15.82 -8.43
N PRO A 197 -19.45 -15.20 -9.33
CA PRO A 197 -19.84 -13.85 -9.76
C PRO A 197 -21.12 -13.92 -10.61
N VAL A 198 -22.21 -13.34 -10.12
CA VAL A 198 -23.51 -13.48 -10.78
C VAL A 198 -24.06 -12.21 -11.43
N ARG A 199 -23.62 -11.03 -10.98
CA ARG A 199 -24.15 -9.78 -11.50
C ARG A 199 -23.13 -8.66 -11.49
N LEU A 200 -23.06 -7.91 -12.58
CA LEU A 200 -22.26 -6.70 -12.64
C LEU A 200 -23.16 -5.58 -12.13
N ASP A 201 -22.88 -5.13 -10.91
CA ASP A 201 -23.76 -4.20 -10.19
C ASP A 201 -23.60 -2.77 -10.67
N THR A 202 -22.36 -2.27 -10.62
CA THR A 202 -22.04 -0.90 -10.99
C THR A 202 -20.71 -0.80 -11.70
N VAL A 203 -20.66 0.04 -12.74
CA VAL A 203 -19.42 0.45 -13.36
C VAL A 203 -19.38 1.98 -13.38
N VAL A 204 -18.33 2.54 -12.82
CA VAL A 204 -18.07 3.96 -12.87
C VAL A 204 -16.87 4.18 -13.76
N ILE A 205 -17.03 5.02 -14.77
CA ILE A 205 -15.90 5.44 -15.61
C ILE A 205 -15.82 6.97 -15.58
N SER A 206 -14.70 7.47 -15.05
CA SER A 206 -14.43 8.91 -15.02
C SER A 206 -13.29 9.19 -15.95
N THR A 207 -13.49 10.10 -16.90
CA THR A 207 -12.43 10.42 -17.84
C THR A 207 -12.31 11.92 -18.11
N GLN A 208 -11.07 12.34 -18.29
CA GLN A 208 -10.76 13.69 -18.76
C GLN A 208 -11.14 13.80 -20.23
N HIS A 209 -11.52 15.00 -20.66
CA HIS A 209 -12.05 15.21 -22.02
C HIS A 209 -11.95 16.68 -22.41
N ALA A 210 -12.04 16.96 -23.70
CA ALA A 210 -12.07 18.36 -24.20
C ALA A 210 -13.28 19.13 -23.66
N ALA A 211 -13.18 20.46 -23.60
CA ALA A 211 -14.23 21.31 -23.01
C ALA A 211 -15.56 21.32 -23.77
N ASP A 212 -15.54 21.09 -25.08
CA ASP A 212 -16.76 21.25 -25.90
C ASP A 212 -17.70 20.04 -25.89
N ILE A 213 -17.36 19.00 -25.12
CA ILE A 213 -18.02 17.70 -25.23
C ILE A 213 -19.25 17.64 -24.33
N ASP A 214 -20.38 17.21 -24.90
CA ASP A 214 -21.59 17.04 -24.13
C ASP A 214 -21.56 15.72 -23.38
N LEU A 215 -21.70 15.80 -22.06
CA LEU A 215 -21.51 14.65 -21.18
C LEU A 215 -22.62 13.63 -21.39
N GLU A 216 -23.85 14.12 -21.50
CA GLU A 216 -25.04 13.25 -21.52
C GLU A 216 -25.27 12.60 -22.89
N ASN A 217 -25.04 13.35 -23.97
CA ASN A 217 -25.35 12.87 -25.32
C ASN A 217 -24.17 12.45 -26.18
N THR A 218 -22.95 12.76 -25.73
CA THR A 218 -21.76 12.31 -26.45
C THR A 218 -20.90 11.41 -25.56
N LEU A 219 -20.40 11.93 -24.44
CA LEU A 219 -19.47 11.16 -23.60
C LEU A 219 -20.10 9.84 -23.12
N THR A 220 -21.25 9.90 -22.46
CA THR A 220 -21.84 8.71 -21.85
C THR A 220 -22.10 7.58 -22.86
N PRO A 221 -22.83 7.84 -23.97
CA PRO A 221 -23.06 6.73 -24.89
C PRO A 221 -21.80 6.23 -25.62
N ASP A 222 -20.84 7.13 -25.87
CA ASP A 222 -19.58 6.73 -26.50
C ASP A 222 -18.77 5.82 -25.56
N ILE A 223 -18.76 6.16 -24.28
CA ILE A 223 -18.06 5.34 -23.29
C ILE A 223 -18.79 3.99 -23.10
N ARG A 224 -20.12 4.02 -22.99
CA ARG A 224 -20.87 2.76 -22.97
C ARG A 224 -20.54 1.85 -24.18
N GLU A 225 -20.61 2.41 -25.39
CA GLU A 225 -20.45 1.61 -26.61
C GLU A 225 -18.99 1.21 -26.86
N LYS A 226 -18.05 2.14 -26.78
CA LYS A 226 -16.67 1.90 -27.18
C LYS A 226 -15.76 1.33 -26.07
N VAL A 227 -16.13 1.56 -24.81
CA VAL A 227 -15.33 1.11 -23.67
C VAL A 227 -16.00 -0.01 -22.88
N LEU A 228 -17.17 0.24 -22.28
CA LEU A 228 -17.82 -0.82 -21.51
C LEU A 228 -18.19 -2.04 -22.38
N ASN A 229 -18.94 -1.82 -23.45
CA ASN A 229 -19.48 -2.96 -24.20
C ASN A 229 -18.43 -3.79 -24.90
N THR A 230 -17.40 -3.14 -25.42
CA THR A 230 -16.28 -3.86 -26.05
C THR A 230 -15.53 -4.74 -25.04
N VAL A 231 -15.32 -4.23 -23.83
CA VAL A 231 -14.65 -5.01 -22.79
C VAL A 231 -15.53 -6.20 -22.37
N LEU A 232 -16.82 -5.95 -22.20
CA LEU A 232 -17.73 -7.04 -21.81
C LEU A 232 -17.81 -8.11 -22.90
N ASN A 233 -17.77 -7.69 -24.17
CA ASN A 233 -17.75 -8.63 -25.30
CA ASN A 233 -17.75 -8.66 -25.28
C ASN A 233 -16.45 -9.45 -25.33
N ASP A 234 -15.32 -8.78 -25.09
CA ASP A 234 -14.01 -9.45 -24.99
C ASP A 234 -14.00 -10.53 -23.92
N LEU A 235 -14.56 -10.21 -22.75
CA LEU A 235 -14.52 -11.12 -21.60
C LEU A 235 -15.47 -12.28 -21.79
N ALA A 236 -16.66 -11.97 -22.30
CA ALA A 236 -17.71 -12.95 -22.56
C ALA A 236 -17.90 -13.87 -21.36
N HIS A 237 -18.07 -13.28 -20.18
CA HIS A 237 -18.05 -14.07 -18.93
C HIS A 237 -19.27 -14.99 -18.87
N ASP A 238 -19.06 -16.21 -18.39
CA ASP A 238 -20.09 -17.24 -18.41
C ASP A 238 -21.24 -17.07 -17.41
N THR A 239 -21.01 -16.37 -16.30
CA THR A 239 -22.02 -16.23 -15.25
C THR A 239 -22.37 -14.79 -14.87
N LEU A 240 -21.53 -13.82 -15.26
CA LEU A 240 -21.73 -12.41 -14.92
C LEU A 240 -22.86 -11.77 -15.72
N ASP A 241 -24.02 -11.57 -15.08
CA ASP A 241 -25.17 -10.92 -15.70
C ASP A 241 -24.92 -9.42 -15.71
N THR A 242 -24.86 -8.84 -16.91
CA THR A 242 -24.65 -7.42 -17.10
C THR A 242 -25.90 -6.71 -17.62
N SER A 243 -27.06 -7.39 -17.58
CA SER A 243 -28.29 -6.85 -18.15
C SER A 243 -28.86 -5.63 -17.43
N SER A 244 -28.63 -5.50 -16.12
CA SER A 244 -29.11 -4.34 -15.37
C SER A 244 -27.97 -3.54 -14.70
N THR A 245 -26.77 -3.61 -15.27
CA THR A 245 -25.62 -2.87 -14.74
C THR A 245 -25.91 -1.38 -14.67
N ARG A 246 -25.60 -0.76 -13.54
CA ARG A 246 -25.66 0.69 -13.41
C ARG A 246 -24.33 1.28 -13.90
N LEU A 247 -24.36 1.95 -15.05
CA LEU A 247 -23.16 2.61 -15.58
C LEU A 247 -23.23 4.07 -15.25
N LEU A 248 -22.18 4.58 -14.60
CA LEU A 248 -22.08 6.01 -14.34
C LEU A 248 -20.84 6.52 -15.04
N VAL A 249 -21.00 7.50 -15.93
CA VAL A 249 -19.87 8.12 -16.61
C VAL A 249 -19.74 9.55 -16.09
N ASN A 250 -18.53 9.90 -15.63
CA ASN A 250 -18.24 11.21 -15.03
C ASN A 250 -19.36 11.69 -14.09
N PRO A 251 -19.64 10.93 -13.01
CA PRO A 251 -20.70 11.31 -12.08
C PRO A 251 -20.49 12.66 -11.38
N THR A 252 -19.25 13.11 -11.26
CA THR A 252 -18.99 14.43 -10.67
C THR A 252 -18.97 15.54 -11.74
N GLY A 253 -19.21 15.19 -13.00
CA GLY A 253 -19.41 16.18 -14.07
C GLY A 253 -18.18 16.41 -14.94
N LYS A 254 -18.03 17.66 -15.38
CA LYS A 254 -16.96 18.07 -16.29
C LYS A 254 -15.57 17.74 -15.72
N PHE A 255 -14.67 17.29 -16.59
CA PHE A 255 -13.33 16.85 -16.21
C PHE A 255 -12.40 17.30 -17.34
N VAL A 256 -12.15 18.61 -17.41
CA VAL A 256 -11.44 19.18 -18.55
C VAL A 256 -9.93 19.21 -18.34
N VAL A 257 -9.52 19.68 -17.16
CA VAL A 257 -8.12 19.68 -16.76
C VAL A 257 -7.90 18.53 -15.79
N GLY A 258 -6.72 17.91 -15.86
CA GLY A 258 -6.42 16.77 -15.03
C GLY A 258 -4.94 16.63 -14.80
N GLY A 259 -4.54 15.44 -14.39
CA GLY A 259 -3.15 15.16 -14.10
C GLY A 259 -2.73 15.83 -12.81
N PRO A 260 -1.49 16.33 -12.76
CA PRO A 260 -1.02 16.92 -11.50
C PRO A 260 -1.68 18.26 -11.16
N MET A 261 -2.35 18.87 -12.13
CA MET A 261 -2.97 20.18 -11.96
C MET A 261 -3.95 20.19 -10.82
N GLY A 262 -3.67 20.99 -9.80
CA GLY A 262 -4.57 21.13 -8.68
C GLY A 262 -4.61 19.85 -7.88
N ASP A 263 -3.49 19.13 -7.88
CA ASP A 263 -3.48 17.82 -7.28
C ASP A 263 -2.00 17.52 -6.93
N ALA A 264 -1.72 16.29 -6.52
CA ALA A 264 -0.32 15.86 -6.41
C ALA A 264 -0.31 14.34 -6.54
N GLY A 265 0.76 13.81 -7.09
CA GLY A 265 0.97 12.36 -7.15
C GLY A 265 2.34 12.01 -6.61
N LEU A 266 2.51 10.74 -6.20
CA LEU A 266 3.79 10.20 -5.76
C LEU A 266 3.92 8.77 -6.26
N THR A 267 5.16 8.31 -6.41
CA THR A 267 5.43 6.93 -6.78
C THR A 267 4.96 6.01 -5.66
N GLY A 268 4.36 4.88 -6.00
CA GLY A 268 4.04 3.85 -5.00
C GLY A 268 2.82 4.09 -4.12
N ARG A 269 1.86 4.88 -4.64
CA ARG A 269 0.62 5.20 -3.95
C ARG A 269 -0.61 4.50 -4.53
N LYS A 270 -0.36 3.50 -5.38
CA LYS A 270 -1.44 2.72 -5.98
C LYS A 270 -1.10 1.23 -5.93
N ILE A 271 -0.61 0.77 -4.79
CA ILE A 271 -0.10 -0.60 -4.68
C ILE A 271 -1.18 -1.66 -4.77
N ILE A 272 -2.39 -1.33 -4.34
CA ILE A 272 -3.54 -2.24 -4.46
C ILE A 272 -4.06 -2.33 -5.90
N VAL A 273 -4.20 -1.18 -6.59
CA VAL A 273 -4.42 -1.13 -8.03
C VAL A 273 -3.35 -1.91 -8.80
N ASP A 274 -2.10 -1.83 -8.36
CA ASP A 274 -1.00 -2.52 -9.02
C ASP A 274 -1.05 -4.04 -8.89
N THR A 275 -1.78 -4.54 -7.91
CA THR A 275 -1.76 -5.94 -7.58
C THR A 275 -3.13 -6.60 -7.78
N TYR A 276 -3.91 -6.78 -6.72
CA TYR A 276 -5.14 -7.59 -6.82
C TYR A 276 -6.43 -6.87 -6.44
N GLY A 277 -6.37 -5.54 -6.29
CA GLY A 277 -7.56 -4.74 -6.11
C GLY A 277 -8.28 -4.87 -4.78
N GLY A 278 -7.56 -5.36 -3.77
CA GLY A 278 -8.13 -5.58 -2.46
C GLY A 278 -8.56 -7.00 -2.17
N TRP A 279 -8.61 -7.83 -3.22
CA TRP A 279 -9.12 -9.19 -3.11
C TRP A 279 -8.15 -10.09 -2.35
N ALA A 280 -6.85 -9.82 -2.48
CA ALA A 280 -5.80 -10.62 -1.84
C ALA A 280 -5.03 -9.81 -0.82
N ARG A 281 -4.32 -10.50 0.06
CA ARG A 281 -3.46 -9.84 1.03
C ARG A 281 -2.18 -9.33 0.38
N HIS A 282 -1.59 -8.29 0.98
CA HIS A 282 -0.41 -7.63 0.44
C HIS A 282 0.53 -7.46 1.62
N GLY A 283 1.78 -7.91 1.43
CA GLY A 283 2.77 -7.86 2.51
C GLY A 283 3.39 -6.49 2.68
N GLY A 284 3.21 -5.63 1.68
CA GLY A 284 3.72 -4.26 1.71
C GLY A 284 4.81 -4.10 0.67
N GLY A 285 5.03 -2.86 0.28
CA GLY A 285 6.09 -2.53 -0.64
C GLY A 285 5.53 -2.21 -2.00
N ALA A 286 5.89 -1.03 -2.53
CA ALA A 286 5.56 -0.63 -3.88
C ALA A 286 6.58 -1.22 -4.85
N PHE A 287 6.22 -1.26 -6.13
CA PHE A 287 7.05 -1.85 -7.17
C PHE A 287 7.90 -0.85 -7.96
N SER A 288 7.29 0.25 -8.40
CA SER A 288 7.93 1.10 -9.40
C SER A 288 9.13 1.87 -8.85
N GLY A 289 10.14 2.03 -9.70
CA GLY A 289 11.37 2.73 -9.33
C GLY A 289 12.42 1.86 -8.67
N LYS A 290 12.15 0.56 -8.57
CA LYS A 290 13.02 -0.39 -7.88
C LYS A 290 13.52 -1.42 -8.88
N ASP A 291 14.83 -1.59 -8.91
CA ASP A 291 15.43 -2.64 -9.72
C ASP A 291 15.07 -4.02 -9.15
N PRO A 292 15.24 -5.08 -9.95
CA PRO A 292 14.81 -6.43 -9.55
C PRO A 292 15.53 -7.07 -8.35
N SER A 293 16.66 -6.51 -7.91
CA SER A 293 17.30 -6.95 -6.67
C SER A 293 16.45 -6.66 -5.44
N LYS A 294 15.48 -5.77 -5.57
CA LYS A 294 14.54 -5.49 -4.49
C LYS A 294 13.53 -6.61 -4.41
N VAL A 295 13.61 -7.41 -3.34
CA VAL A 295 12.77 -8.62 -3.22
C VAL A 295 11.29 -8.30 -3.13
N ASP A 296 10.94 -7.11 -2.63
CA ASP A 296 9.57 -6.57 -2.67
C ASP A 296 8.94 -6.62 -4.04
N ARG A 297 9.77 -6.45 -5.06
CA ARG A 297 9.30 -6.52 -6.42
C ARG A 297 9.44 -7.93 -6.96
N SER A 298 10.67 -8.43 -7.03
CA SER A 298 10.92 -9.70 -7.71
C SER A 298 10.24 -10.90 -7.05
N ALA A 299 10.23 -10.97 -5.72
CA ALA A 299 9.56 -12.08 -5.04
C ALA A 299 8.03 -12.00 -5.18
N ALA A 300 7.46 -10.79 -5.19
CA ALA A 300 6.02 -10.62 -5.43
C ALA A 300 5.68 -11.12 -6.83
N TYR A 301 6.54 -10.81 -7.80
CA TYR A 301 6.33 -11.30 -9.17
C TYR A 301 6.41 -12.82 -9.21
N ALA A 302 7.40 -13.40 -8.54
CA ALA A 302 7.52 -14.87 -8.47
C ALA A 302 6.30 -15.53 -7.84
N MET A 303 5.73 -14.92 -6.80
CA MET A 303 4.57 -15.53 -6.12
C MET A 303 3.33 -15.50 -7.01
N ARG A 304 3.17 -14.43 -7.80
CA ARG A 304 2.11 -14.39 -8.80
C ARG A 304 2.27 -15.52 -9.81
N TRP A 305 3.49 -15.69 -10.30
CA TRP A 305 3.83 -16.75 -11.24
C TRP A 305 3.50 -18.14 -10.71
N VAL A 306 3.88 -18.41 -9.46
CA VAL A 306 3.53 -19.67 -8.80
C VAL A 306 2.02 -19.86 -8.72
N ALA A 307 1.33 -18.86 -8.17
CA ALA A 307 -0.12 -18.96 -7.99
C ALA A 307 -0.84 -19.21 -9.34
N LYS A 308 -0.47 -18.47 -10.38
CA LYS A 308 -1.13 -18.55 -11.69
C LYS A 308 -0.93 -19.92 -12.29
N ASN A 309 0.27 -20.47 -12.14
CA ASN A 309 0.52 -21.84 -12.65
C ASN A 309 -0.24 -22.91 -11.88
N ILE A 310 -0.42 -22.71 -10.57
CA ILE A 310 -1.19 -23.66 -9.77
C ILE A 310 -2.64 -23.73 -10.24
N VAL A 311 -3.29 -22.58 -10.43
CA VAL A 311 -4.68 -22.61 -10.89
C VAL A 311 -4.81 -23.05 -12.35
N ALA A 312 -3.86 -22.68 -13.19
CA ALA A 312 -3.88 -23.09 -14.60
C ALA A 312 -3.64 -24.59 -14.75
N ALA A 313 -2.96 -25.20 -13.78
CA ALA A 313 -2.80 -26.65 -13.71
C ALA A 313 -4.00 -27.38 -13.14
N GLY A 314 -5.01 -26.64 -12.71
CA GLY A 314 -6.23 -27.22 -12.16
C GLY A 314 -6.11 -27.78 -10.76
N LEU A 315 -5.01 -27.47 -10.08
CA LEU A 315 -4.77 -27.98 -8.72
C LEU A 315 -5.62 -27.28 -7.66
N ALA A 316 -6.10 -26.08 -7.98
CA ALA A 316 -7.11 -25.38 -7.19
C ALA A 316 -7.76 -24.36 -8.11
N GLU A 317 -8.93 -23.87 -7.74
CA GLU A 317 -9.61 -22.81 -8.50
C GLU A 317 -9.16 -21.43 -8.07
N ARG A 318 -8.77 -21.30 -6.80
CA ARG A 318 -8.15 -20.05 -6.27
C ARG A 318 -7.08 -20.41 -5.24
N VAL A 319 -6.03 -19.60 -5.17
CA VAL A 319 -4.95 -19.88 -4.25
C VAL A 319 -4.23 -18.58 -3.87
N GLU A 320 -3.93 -18.47 -2.58
CA GLU A 320 -3.00 -17.48 -2.09
C GLU A 320 -1.73 -18.24 -1.76
N VAL A 321 -0.60 -17.78 -2.25
CA VAL A 321 0.70 -18.40 -1.98
C VAL A 321 1.49 -17.42 -1.12
N GLN A 322 2.12 -17.92 -0.05
CA GLN A 322 2.95 -17.10 0.80
C GLN A 322 4.34 -17.73 0.91
N VAL A 323 5.38 -16.93 0.67
CA VAL A 323 6.76 -17.39 0.82
C VAL A 323 7.37 -16.71 2.05
N ALA A 324 8.18 -17.46 2.78
CA ALA A 324 8.89 -16.95 3.96
C ALA A 324 10.37 -17.08 3.69
N TYR A 325 11.08 -15.97 3.86
CA TYR A 325 12.53 -15.95 3.76
C TYR A 325 13.15 -15.61 5.11
N ALA A 326 14.35 -16.13 5.36
CA ALA A 326 15.11 -15.83 6.58
C ALA A 326 16.47 -15.23 6.26
N ILE A 327 16.93 -14.33 7.13
CA ILE A 327 18.29 -13.79 7.00
C ILE A 327 19.29 -14.94 7.03
N GLY A 328 20.21 -14.95 6.08
CA GLY A 328 21.26 -15.96 6.02
C GLY A 328 20.96 -17.19 5.17
N LYS A 329 19.77 -17.24 4.56
CA LYS A 329 19.41 -18.35 3.69
C LYS A 329 18.84 -17.79 2.39
N ALA A 330 19.36 -18.29 1.27
CA ALA A 330 18.89 -17.87 -0.05
C ALA A 330 17.51 -18.42 -0.37
N ALA A 331 17.37 -19.74 -0.25
CA ALA A 331 16.11 -20.41 -0.53
C ALA A 331 15.14 -20.11 0.60
N PRO A 332 13.83 -20.11 0.31
CA PRO A 332 12.81 -19.87 1.34
C PRO A 332 12.91 -20.88 2.46
N VAL A 333 12.59 -20.42 3.67
CA VAL A 333 12.43 -21.32 4.81
C VAL A 333 10.99 -21.80 4.94
N GLY A 334 10.08 -21.27 4.12
CA GLY A 334 8.72 -21.72 4.15
C GLY A 334 7.97 -21.33 2.88
N LEU A 335 7.02 -22.17 2.54
CA LEU A 335 6.13 -21.92 1.42
C LEU A 335 4.78 -22.45 1.82
N PHE A 336 3.81 -21.56 1.92
CA PHE A 336 2.48 -21.88 2.42
C PHE A 336 1.42 -21.51 1.39
N ILE A 337 0.36 -22.31 1.31
CA ILE A 337 -0.75 -21.95 0.46
C ILE A 337 -2.07 -21.99 1.20
N GLU A 338 -3.04 -21.26 0.65
CA GLU A 338 -4.41 -21.35 1.10
C GLU A 338 -5.24 -21.52 -0.15
N THR A 339 -6.03 -22.59 -0.21
CA THR A 339 -6.82 -22.89 -1.39
C THR A 339 -8.32 -22.66 -1.17
N PHE A 340 -8.71 -22.26 0.04
CA PHE A 340 -10.09 -21.83 0.30
C PHE A 340 -11.13 -22.90 -0.06
N GLY A 341 -10.77 -24.14 0.20
CA GLY A 341 -11.65 -25.28 -0.07
C GLY A 341 -11.73 -25.75 -1.50
N THR A 342 -10.94 -25.14 -2.40
CA THR A 342 -11.04 -25.38 -3.85
C THR A 342 -9.97 -26.30 -4.42
N ALA A 343 -9.11 -26.86 -3.57
CA ALA A 343 -8.07 -27.77 -4.05
C ALA A 343 -8.63 -29.07 -4.63
N THR A 344 -8.01 -29.56 -5.70
CA THR A 344 -8.40 -30.84 -6.29
C THR A 344 -7.39 -31.94 -5.94
N VAL A 345 -6.35 -31.55 -5.21
CA VAL A 345 -5.36 -32.46 -4.62
C VAL A 345 -5.07 -31.93 -3.20
N ASP A 346 -4.43 -32.75 -2.35
CA ASP A 346 -4.13 -32.34 -0.97
C ASP A 346 -3.27 -31.07 -0.98
N PRO A 347 -3.71 -29.98 -0.32
CA PRO A 347 -2.89 -28.76 -0.30
C PRO A 347 -1.49 -28.94 0.28
N VAL A 348 -1.32 -29.88 1.19
CA VAL A 348 0.02 -30.16 1.74
C VAL A 348 0.94 -30.70 0.64
N LYS A 349 0.39 -31.45 -0.31
CA LYS A 349 1.16 -31.94 -1.45
C LYS A 349 1.57 -30.79 -2.37
N ILE A 350 0.65 -29.87 -2.59
CA ILE A 350 0.95 -28.66 -3.35
C ILE A 350 2.08 -27.88 -2.69
N GLU A 351 1.97 -27.70 -1.38
CA GLU A 351 3.03 -27.03 -0.62
C GLU A 351 4.39 -27.70 -0.80
N LYS A 352 4.38 -29.03 -0.81
CA LYS A 352 5.63 -29.78 -0.96
C LYS A 352 6.25 -29.60 -2.34
N ILE A 353 5.44 -29.63 -3.39
CA ILE A 353 6.00 -29.63 -4.74
C ILE A 353 6.42 -28.25 -5.24
N VAL A 354 5.83 -27.18 -4.71
CA VAL A 354 6.15 -25.85 -5.22
C VAL A 354 7.66 -25.53 -5.17
N PRO A 355 8.30 -25.74 -4.01
CA PRO A 355 9.75 -25.44 -3.99
C PRO A 355 10.62 -26.48 -4.71
N GLU A 356 10.04 -27.60 -5.12
CA GLU A 356 10.75 -28.58 -5.96
C GLU A 356 10.71 -28.09 -7.42
N VAL A 357 9.54 -27.61 -7.83
CA VAL A 357 9.31 -27.18 -9.22
C VAL A 357 9.83 -25.78 -9.49
N PHE A 358 9.68 -24.88 -8.52
CA PHE A 358 10.16 -23.51 -8.64
C PHE A 358 11.43 -23.30 -7.77
N ASP A 359 12.41 -22.60 -8.32
CA ASP A 359 13.62 -22.23 -7.60
C ASP A 359 13.45 -20.80 -7.12
N LEU A 360 13.10 -20.67 -5.84
CA LEU A 360 12.69 -19.39 -5.28
C LEU A 360 13.81 -18.64 -4.59
N ARG A 361 15.05 -19.06 -4.82
CA ARG A 361 16.18 -18.19 -4.48
C ARG A 361 16.11 -16.92 -5.33
N PRO A 362 16.38 -15.75 -4.72
CA PRO A 362 16.27 -14.48 -5.44
C PRO A 362 17.08 -14.43 -6.75
N GLY A 363 18.29 -14.97 -6.72
CA GLY A 363 19.14 -14.98 -7.90
C GLY A 363 18.54 -15.85 -8.99
N ALA A 364 17.91 -16.95 -8.61
CA ALA A 364 17.27 -17.84 -9.58
C ALA A 364 16.02 -17.21 -10.21
N ILE A 365 15.22 -16.53 -9.40
CA ILE A 365 14.04 -15.80 -9.90
C ILE A 365 14.46 -14.78 -10.95
N ILE A 366 15.53 -14.03 -10.65
CA ILE A 366 16.04 -13.03 -11.56
C ILE A 366 16.52 -13.64 -12.88
N ARG A 367 17.26 -14.74 -12.78
CA ARG A 367 17.75 -15.46 -13.96
C ARG A 367 16.61 -16.06 -14.76
N ASP A 368 15.73 -16.79 -14.07
CA ASP A 368 14.71 -17.59 -14.73
C ASP A 368 13.63 -16.76 -15.37
N LEU A 369 13.23 -15.65 -14.76
CA LEU A 369 12.25 -14.75 -15.36
C LEU A 369 12.93 -13.70 -16.26
N ASP A 370 14.26 -13.69 -16.30
CA ASP A 370 15.03 -12.76 -17.15
C ASP A 370 14.67 -11.32 -16.82
N LEU A 371 14.90 -10.95 -15.56
CA LEU A 371 14.45 -9.67 -15.02
C LEU A 371 15.41 -8.50 -15.24
N LEU A 372 16.65 -8.76 -15.67
CA LEU A 372 17.64 -7.67 -15.85
C LEU A 372 17.56 -7.07 -17.26
N ARG A 373 16.36 -6.58 -17.58
CA ARG A 373 16.01 -6.06 -18.89
C ARG A 373 15.04 -4.90 -18.69
N PRO A 374 15.00 -3.96 -19.64
CA PRO A 374 14.14 -2.80 -19.54
C PRO A 374 12.71 -3.14 -19.90
N ILE A 375 12.03 -3.80 -18.98
CA ILE A 375 10.67 -4.30 -19.20
C ILE A 375 9.66 -3.71 -18.19
N TYR A 376 10.05 -2.66 -17.46
CA TYR A 376 9.27 -2.19 -16.31
C TYR A 376 8.35 -0.99 -16.54
N ALA A 377 8.70 -0.08 -17.46
CA ALA A 377 7.83 1.07 -17.68
C ALA A 377 6.41 0.61 -18.09
N GLN A 378 6.32 -0.48 -18.85
CA GLN A 378 5.02 -1.02 -19.26
C GLN A 378 4.14 -1.53 -18.10
N THR A 379 4.78 -1.88 -16.97
CA THR A 379 4.08 -2.40 -15.80
C THR A 379 3.48 -1.30 -14.92
N ALA A 380 3.89 -0.06 -15.15
CA ALA A 380 3.61 1.04 -14.23
C ALA A 380 2.20 1.62 -14.31
N ALA A 381 1.39 1.16 -15.26
CA ALA A 381 -0.04 1.43 -15.26
C ALA A 381 -0.76 0.19 -15.75
N TYR A 382 -2.02 0.06 -15.36
CA TYR A 382 -2.92 -1.01 -15.78
C TYR A 382 -2.68 -2.35 -15.09
N GLY A 383 -1.89 -2.33 -14.02
CA GLY A 383 -1.65 -3.50 -13.19
C GLY A 383 -0.35 -4.21 -13.57
N HIS A 384 0.28 -4.81 -12.57
CA HIS A 384 1.45 -5.65 -12.81
C HIS A 384 1.06 -7.10 -13.09
N PHE A 385 -0.18 -7.44 -12.76
CA PHE A 385 -0.67 -8.82 -12.83
C PHE A 385 -1.93 -8.92 -13.70
N GLY A 386 -1.98 -10.01 -14.47
CA GLY A 386 -3.14 -10.33 -15.29
C GLY A 386 -3.24 -9.55 -16.58
N ARG A 387 -2.11 -9.02 -17.05
CA ARG A 387 -2.13 -8.17 -18.23
C ARG A 387 -2.47 -8.97 -19.48
N THR A 388 -3.48 -8.50 -20.23
CA THR A 388 -3.92 -9.14 -21.46
C THR A 388 -3.34 -8.46 -22.70
N ASP A 389 -2.64 -7.34 -22.52
CA ASP A 389 -2.11 -6.52 -23.63
C ASP A 389 -0.63 -6.69 -23.88
N VAL A 390 0.09 -7.22 -22.87
CA VAL A 390 1.54 -7.42 -22.93
C VAL A 390 1.87 -8.77 -22.27
N GLU A 391 2.94 -9.41 -22.72
CA GLU A 391 3.37 -10.69 -22.14
C GLU A 391 4.48 -10.43 -21.12
N LEU A 392 4.22 -10.74 -19.86
CA LEU A 392 5.19 -10.53 -18.78
C LEU A 392 5.72 -11.89 -18.27
N PRO A 393 7.01 -11.98 -17.91
CA PRO A 393 7.59 -13.29 -17.52
C PRO A 393 6.85 -14.03 -16.41
N TRP A 394 6.36 -13.27 -15.44
CA TRP A 394 5.66 -13.83 -14.26
C TRP A 394 4.21 -14.21 -14.53
N GLU A 395 3.74 -13.99 -15.76
CA GLU A 395 2.40 -14.36 -16.21
C GLU A 395 2.40 -15.59 -17.14
N GLN A 396 3.58 -16.12 -17.44
CA GLN A 396 3.71 -17.27 -18.33
C GLN A 396 3.33 -18.56 -17.65
N LEU A 397 2.58 -19.39 -18.38
CA LEU A 397 2.09 -20.67 -17.88
C LEU A 397 3.06 -21.81 -18.25
N ASN A 398 4.35 -21.52 -18.13
CA ASN A 398 5.41 -22.47 -18.48
C ASN A 398 5.79 -23.48 -17.38
N LYS A 399 5.10 -23.47 -16.25
CA LYS A 399 5.33 -24.42 -15.16
C LYS A 399 4.12 -25.34 -14.91
N VAL A 400 3.07 -25.20 -15.72
CA VAL A 400 1.88 -26.04 -15.60
C VAL A 400 2.24 -27.52 -15.82
N ASP A 401 2.97 -27.80 -16.88
CA ASP A 401 3.43 -29.16 -17.14
C ASP A 401 4.31 -29.70 -16.00
N ASP A 402 5.22 -28.89 -15.51
CA ASP A 402 6.10 -29.28 -14.40
C ASP A 402 5.28 -29.69 -13.18
N LEU A 403 4.29 -28.88 -12.83
CA LEU A 403 3.45 -29.17 -11.67
C LEU A 403 2.67 -30.48 -11.85
N LYS A 404 2.14 -30.69 -13.05
CA LYS A 404 1.38 -31.91 -13.34
C LYS A 404 2.25 -33.17 -13.26
N ARG A 405 3.51 -33.05 -13.66
CA ARG A 405 4.44 -34.17 -13.55
C ARG A 405 4.81 -34.46 -12.09
N ALA A 406 4.76 -33.45 -11.22
CA ALA A 406 5.20 -33.60 -9.84
C ALA A 406 4.13 -34.19 -8.95
N ILE A 407 2.87 -34.06 -9.37
CA ILE A 407 1.73 -34.66 -8.67
C ILE A 407 1.68 -36.17 -8.89
N SER B 6 -0.13 -33.88 7.41
CA SER B 6 0.03 -32.78 8.41
C SER B 6 0.91 -31.67 7.84
N GLU B 7 0.45 -30.43 7.99
CA GLU B 7 1.11 -29.29 7.39
C GLU B 7 2.27 -28.78 8.27
N LYS B 8 3.26 -28.19 7.62
CA LYS B 8 4.34 -27.50 8.33
C LYS B 8 3.76 -26.28 9.02
N GLY B 9 4.31 -25.92 10.18
CA GLY B 9 3.83 -24.73 10.90
C GLY B 9 3.92 -23.52 9.99
N ARG B 10 2.92 -22.64 10.04
CA ARG B 10 2.95 -21.43 9.25
C ARG B 10 3.90 -20.44 9.94
N LEU B 11 4.68 -19.70 9.16
CA LEU B 11 5.44 -18.59 9.65
C LEU B 11 4.75 -17.32 9.16
N PHE B 12 4.72 -16.27 9.98
CA PHE B 12 4.24 -14.97 9.51
C PHE B 12 5.18 -13.89 10.03
N THR B 13 5.53 -12.95 9.16
CA THR B 13 6.44 -11.85 9.49
C THR B 13 5.73 -10.55 9.22
N SER B 14 5.86 -9.64 10.17
CA SER B 14 5.47 -8.24 9.95
C SER B 14 6.59 -7.32 10.43
N GLU B 15 6.51 -6.06 10.03
CA GLU B 15 7.53 -5.09 10.38
C GLU B 15 6.93 -3.77 10.81
N SER B 16 7.72 -3.01 11.54
CA SER B 16 7.38 -1.64 11.89
C SER B 16 8.63 -0.79 11.78
N VAL B 17 8.45 0.53 11.70
CA VAL B 17 9.59 1.43 11.60
C VAL B 17 9.39 2.54 12.62
N THR B 18 10.48 3.19 13.02
CA THR B 18 10.37 4.28 13.98
C THR B 18 9.93 5.55 13.25
N GLU B 19 9.64 6.58 14.03
CA GLU B 19 9.34 7.89 13.49
C GLU B 19 10.47 8.53 12.68
N GLY B 20 11.68 7.99 12.82
CA GLY B 20 12.85 8.47 12.08
C GLY B 20 13.09 7.84 10.71
N HIS B 21 12.30 6.83 10.33
CA HIS B 21 12.39 6.23 9.02
C HIS B 21 11.89 7.26 8.00
N PRO B 22 12.59 7.43 6.88
CA PRO B 22 12.26 8.54 5.98
C PRO B 22 10.80 8.58 5.51
N ASP B 23 10.19 7.43 5.23
CA ASP B 23 8.79 7.40 4.86
C ASP B 23 7.92 7.86 6.02
N LYS B 24 8.25 7.45 7.25
CA LYS B 24 7.52 7.95 8.41
C LYS B 24 7.76 9.41 8.72
N ILE B 25 8.95 9.93 8.41
CA ILE B 25 9.14 11.36 8.51
C ILE B 25 8.08 12.12 7.66
N CYS B 26 7.88 11.65 6.44
CA CYS B 26 6.90 12.25 5.54
C CYS B 26 5.47 12.13 6.07
N ASP B 27 5.09 10.93 6.52
CA ASP B 27 3.74 10.73 7.11
C ASP B 27 3.52 11.73 8.25
N ALA B 28 4.54 11.86 9.10
CA ALA B 28 4.45 12.76 10.26
C ALA B 28 4.35 14.23 9.88
N ILE B 29 5.14 14.65 8.90
CA ILE B 29 5.09 16.03 8.43
C ILE B 29 3.71 16.33 7.81
N SER B 30 3.22 15.41 6.98
CA SER B 30 1.90 15.55 6.33
C SER B 30 0.79 15.68 7.39
N ASP B 31 0.83 14.84 8.42
CA ASP B 31 -0.17 14.90 9.48
C ASP B 31 0.03 16.06 10.47
N SER B 32 1.28 16.52 10.61
CA SER B 32 1.56 17.73 11.39
C SER B 32 0.99 18.99 10.75
N VAL B 33 1.08 19.07 9.41
CA VAL B 33 0.44 20.12 8.64
C VAL B 33 -1.10 20.02 8.78
N LEU B 34 -1.63 18.82 8.66
CA LEU B 34 -3.07 18.59 8.88
C LEU B 34 -3.50 19.10 10.26
N ASP B 35 -2.81 18.64 11.30
CA ASP B 35 -3.18 19.04 12.67
C ASP B 35 -3.12 20.57 12.87
N ALA B 36 -2.06 21.20 12.36
CA ALA B 36 -1.91 22.66 12.50
C ALA B 36 -3.12 23.40 11.89
N LEU B 37 -3.59 22.92 10.75
CA LEU B 37 -4.74 23.53 10.07
C LEU B 37 -6.04 23.25 10.83
N LEU B 38 -6.25 21.98 11.23
CA LEU B 38 -7.47 21.61 11.98
C LEU B 38 -7.58 22.35 13.31
N ALA B 39 -6.44 22.69 13.93
CA ALA B 39 -6.45 23.39 15.23
C ALA B 39 -7.14 24.75 15.13
N GLN B 40 -6.98 25.42 13.99
CA GLN B 40 -7.54 26.75 13.72
C GLN B 40 -8.86 26.67 12.94
N ASP B 41 -8.94 25.72 12.01
CA ASP B 41 -10.12 25.52 11.15
C ASP B 41 -10.45 24.02 11.06
N PRO B 42 -11.38 23.56 11.93
CA PRO B 42 -11.65 22.13 12.00
C PRO B 42 -12.25 21.53 10.75
N ARG B 43 -12.78 22.37 9.85
CA ARG B 43 -13.37 21.91 8.61
C ARG B 43 -12.45 22.06 7.40
N SER B 44 -11.17 22.32 7.64
CA SER B 44 -10.15 22.37 6.58
C SER B 44 -10.17 21.11 5.71
N ARG B 45 -10.10 21.31 4.40
CA ARG B 45 -9.87 20.20 3.47
C ARG B 45 -8.38 20.15 3.17
N VAL B 46 -7.77 19.00 3.38
CA VAL B 46 -6.33 18.85 3.33
C VAL B 46 -5.98 17.58 2.55
N ALA B 47 -5.07 17.73 1.60
CA ALA B 47 -4.50 16.63 0.84
C ALA B 47 -3.03 16.98 0.60
N VAL B 48 -2.21 16.70 1.60
CA VAL B 48 -0.84 17.21 1.64
C VAL B 48 0.16 16.05 1.64
N GLU B 49 1.04 16.06 0.64
CA GLU B 49 2.01 15.00 0.43
C GLU B 49 3.39 15.57 0.73
N THR B 50 4.26 14.74 1.27
CA THR B 50 5.61 15.15 1.61
C THR B 50 6.65 14.20 1.01
N LEU B 51 7.74 14.78 0.52
CA LEU B 51 8.88 14.06 -0.03
C LEU B 51 10.09 14.49 0.78
N VAL B 52 10.97 13.55 1.11
CA VAL B 52 12.27 13.89 1.68
C VAL B 52 13.35 13.14 0.90
N THR B 53 14.48 13.80 0.74
CA THR B 53 15.69 13.13 0.27
C THR B 53 16.86 13.90 0.91
N THR B 54 18.08 13.57 0.53
CA THR B 54 19.25 14.13 1.19
C THR B 54 19.11 15.63 1.34
N GLY B 55 19.09 16.10 2.59
CA GLY B 55 19.10 17.52 2.88
C GLY B 55 17.88 18.35 2.56
N GLN B 56 16.76 17.72 2.17
CA GLN B 56 15.62 18.50 1.73
C GLN B 56 14.25 17.85 1.94
N VAL B 57 13.29 18.73 2.19
CA VAL B 57 11.86 18.40 2.33
C VAL B 57 11.08 19.18 1.26
N HIS B 58 10.16 18.50 0.59
CA HIS B 58 9.25 19.14 -0.36
C HIS B 58 7.83 18.76 0.05
N VAL B 59 7.02 19.76 0.40
CA VAL B 59 5.63 19.54 0.82
C VAL B 59 4.73 20.12 -0.25
N VAL B 60 3.85 19.28 -0.79
CA VAL B 60 2.96 19.68 -1.88
C VAL B 60 1.52 19.23 -1.64
N GLY B 61 0.63 19.66 -2.52
CA GLY B 61 -0.75 19.21 -2.51
C GLY B 61 -1.69 20.39 -2.51
N GLU B 62 -2.81 20.25 -1.82
CA GLU B 62 -3.87 21.25 -1.87
C GLU B 62 -4.57 21.36 -0.53
N VAL B 63 -5.00 22.57 -0.21
CA VAL B 63 -5.66 22.87 1.05
C VAL B 63 -6.77 23.88 0.76
N THR B 64 -7.89 23.70 1.44
CA THR B 64 -8.95 24.70 1.50
C THR B 64 -9.11 24.97 2.98
N THR B 65 -8.88 26.20 3.40
CA THR B 65 -8.84 26.51 4.83
C THR B 65 -9.07 27.99 5.08
N THR B 66 -9.62 28.31 6.25
CA THR B 66 -9.59 29.69 6.78
C THR B 66 -8.37 29.96 7.69
N ALA B 67 -7.59 28.90 7.95
CA ALA B 67 -6.45 28.96 8.88
C ALA B 67 -5.21 29.52 8.17
N LYS B 68 -5.29 30.77 7.77
CA LYS B 68 -4.23 31.40 6.99
C LYS B 68 -2.95 31.57 7.81
N GLU B 69 -3.06 31.91 9.10
CA GLU B 69 -1.86 32.04 9.93
C GLU B 69 -1.13 30.70 10.07
N ALA B 70 -1.88 29.62 10.27
CA ALA B 70 -1.31 28.27 10.33
C ALA B 70 -0.65 27.89 9.00
N PHE B 71 -1.30 28.25 7.90
CA PHE B 71 -0.72 27.98 6.59
C PHE B 71 0.61 28.70 6.41
N ALA B 72 0.65 29.97 6.81
CA ALA B 72 1.88 30.76 6.73
C ALA B 72 3.02 30.15 7.55
N ASP B 73 2.66 29.48 8.64
CA ASP B 73 3.63 28.92 9.57
CA ASP B 73 3.66 28.93 9.54
C ASP B 73 4.08 27.49 9.20
N ILE B 74 3.58 26.97 8.08
CA ILE B 74 3.86 25.55 7.71
C ILE B 74 5.36 25.25 7.67
N THR B 75 6.18 26.15 7.15
CA THR B 75 7.61 25.88 7.08
CA THR B 75 7.62 25.89 7.08
C THR B 75 8.19 25.62 8.47
N ASN B 76 7.76 26.40 9.47
CA ASN B 76 8.17 26.19 10.84
C ASN B 76 7.63 24.91 11.48
N THR B 77 6.39 24.55 11.16
CA THR B 77 5.81 23.29 11.61
C THR B 77 6.61 22.09 11.09
N VAL B 78 7.03 22.18 9.83
CA VAL B 78 7.89 21.14 9.25
C VAL B 78 9.20 20.98 10.02
N ARG B 79 9.92 22.09 10.19
CA ARG B 79 11.22 22.07 10.90
C ARG B 79 11.07 21.55 12.35
N GLU B 80 10.03 21.99 13.03
CA GLU B 80 9.78 21.57 14.42
C GLU B 80 9.49 20.07 14.52
N ARG B 81 8.75 19.51 13.55
CA ARG B 81 8.48 18.06 13.56
C ARG B 81 9.77 17.27 13.39
N ILE B 82 10.61 17.70 12.46
CA ILE B 82 11.90 17.03 12.22
C ILE B 82 12.77 17.08 13.47
N LEU B 83 12.82 18.24 14.12
CA LEU B 83 13.60 18.36 15.35
C LEU B 83 13.00 17.48 16.46
N ASP B 84 11.67 17.39 16.54
CA ASP B 84 11.04 16.51 17.55
C ASP B 84 11.39 15.03 17.35
N ILE B 85 11.44 14.61 16.08
CA ILE B 85 11.86 13.26 15.70
C ILE B 85 13.30 12.96 16.20
N GLY B 86 14.13 14.00 16.26
CA GLY B 86 15.50 13.92 16.79
C GLY B 86 16.58 14.24 15.78
N TYR B 87 16.20 14.71 14.58
CA TYR B 87 17.19 15.06 13.55
C TYR B 87 17.59 16.52 13.70
N ASP B 88 18.72 16.72 14.38
CA ASP B 88 19.20 18.04 14.73
C ASP B 88 20.68 18.22 14.39
N SER B 89 21.20 17.43 13.45
CA SER B 89 22.61 17.53 13.10
C SER B 89 22.93 16.82 11.81
N SER B 90 23.81 17.43 11.01
CA SER B 90 24.33 16.76 9.81
C SER B 90 25.07 15.46 10.16
N ASP B 91 25.63 15.37 11.36
CA ASP B 91 26.27 14.16 11.83
C ASP B 91 25.29 12.99 11.91
N LYS B 92 24.00 13.29 12.12
CA LYS B 92 22.95 12.28 12.17
C LYS B 92 22.31 11.98 10.81
N GLY B 93 22.70 12.75 9.78
CA GLY B 93 22.17 12.59 8.44
C GLY B 93 21.18 13.67 8.06
N PHE B 94 20.72 14.47 9.03
CA PHE B 94 19.60 15.38 8.78
C PHE B 94 19.42 16.35 9.93
N ASP B 95 19.17 17.62 9.63
CA ASP B 95 18.97 18.64 10.65
C ASP B 95 17.76 19.47 10.30
N GLY B 96 16.71 19.33 11.11
CA GLY B 96 15.48 20.08 10.91
C GLY B 96 15.65 21.59 10.88
N ALA B 97 16.68 22.08 11.58
CA ALA B 97 16.91 23.52 11.69
C ALA B 97 17.56 24.11 10.44
N SER B 98 18.28 23.29 9.67
CA SER B 98 19.10 23.80 8.58
C SER B 98 18.89 23.09 7.23
N CYS B 99 17.99 22.12 7.16
CA CYS B 99 17.68 21.45 5.89
C CYS B 99 16.87 22.35 4.95
N GLY B 100 16.84 21.97 3.68
CA GLY B 100 16.00 22.66 2.73
C GLY B 100 14.54 22.34 3.00
N VAL B 101 13.68 23.35 2.91
CA VAL B 101 12.22 23.17 3.00
C VAL B 101 11.56 24.00 1.90
N ASN B 102 10.91 23.32 0.98
CA ASN B 102 10.17 23.94 -0.10
C ASN B 102 8.69 23.57 0.00
N ILE B 103 7.85 24.58 -0.09
CA ILE B 103 6.40 24.40 0.00
C ILE B 103 5.77 24.72 -1.36
N GLY B 104 5.08 23.73 -1.94
CA GLY B 104 4.37 23.88 -3.20
C GLY B 104 2.93 23.47 -3.03
N ILE B 105 2.22 24.13 -2.14
CA ILE B 105 0.85 23.75 -1.83
C ILE B 105 -0.10 24.81 -2.38
N GLY B 106 -1.09 24.37 -3.15
CA GLY B 106 -2.11 25.28 -3.66
C GLY B 106 -3.12 25.52 -2.56
N ALA B 107 -3.48 26.79 -2.33
CA ALA B 107 -4.31 27.16 -1.18
C ALA B 107 -5.48 28.00 -1.64
N GLN B 108 -6.66 27.71 -1.08
CA GLN B 108 -7.82 28.53 -1.32
C GLN B 108 -8.68 28.62 -0.08
N SER B 109 -9.56 29.62 -0.09
CA SER B 109 -10.56 29.80 0.95
C SER B 109 -11.78 29.00 0.57
N PRO B 110 -12.60 28.60 1.57
CA PRO B 110 -13.86 27.89 1.31
C PRO B 110 -14.96 28.81 0.76
N GLY B 137 -21.65 10.19 -3.16
CA GLY B 137 -20.40 9.72 -2.54
C GLY B 137 -19.50 9.02 -3.54
N ASP B 138 -19.14 7.78 -3.28
CA ASP B 138 -18.32 6.98 -4.21
C ASP B 138 -18.56 5.48 -4.04
N GLN B 139 -18.34 4.69 -5.10
CA GLN B 139 -18.36 3.24 -4.96
C GLN B 139 -17.13 2.93 -4.14
N GLY B 140 -17.31 2.22 -3.04
CA GLY B 140 -16.18 1.92 -2.21
C GLY B 140 -16.29 0.65 -1.44
N LEU B 141 -15.12 0.18 -1.04
CA LEU B 141 -15.05 -0.89 -0.12
C LEU B 141 -13.89 -0.60 0.83
N MET B 142 -14.08 -0.92 2.10
CA MET B 142 -13.06 -0.72 3.10
C MET B 142 -13.12 -1.91 4.06
N PHE B 143 -11.95 -2.31 4.56
CA PHE B 143 -11.83 -3.44 5.48
C PHE B 143 -11.42 -2.99 6.88
N GLY B 144 -11.85 -3.74 7.87
CA GLY B 144 -11.32 -3.63 9.21
C GLY B 144 -11.08 -5.02 9.75
N TYR B 145 -10.26 -5.12 10.78
CA TYR B 145 -9.88 -6.40 11.34
C TYR B 145 -9.60 -6.31 12.84
N ALA B 146 -9.91 -7.41 13.53
CA ALA B 146 -9.50 -7.61 14.92
C ALA B 146 -9.38 -9.08 15.22
N ILE B 147 -8.61 -9.39 16.27
CA ILE B 147 -8.29 -10.78 16.63
C ILE B 147 -7.79 -10.84 18.07
N ASN B 148 -8.22 -11.85 18.84
CA ASN B 148 -7.82 -11.97 20.25
C ASN B 148 -6.44 -12.61 20.48
N ASP B 149 -5.48 -12.36 19.60
CA ASP B 149 -4.12 -12.87 19.77
C ASP B 149 -3.25 -11.93 20.60
N THR B 150 -3.74 -10.70 20.85
CA THR B 150 -3.07 -9.73 21.71
C THR B 150 -4.09 -8.95 22.54
N PRO B 151 -3.63 -8.34 23.66
CA PRO B 151 -4.53 -7.48 24.46
C PRO B 151 -5.22 -6.38 23.66
N GLU B 152 -4.47 -5.80 22.73
CA GLU B 152 -4.95 -4.71 21.87
C GLU B 152 -5.78 -5.22 20.66
N ARG B 153 -6.01 -6.52 20.62
CA ARG B 153 -6.85 -7.17 19.62
C ARG B 153 -6.36 -6.95 18.17
N MET B 154 -5.04 -7.04 18.03
CA MET B 154 -4.33 -6.95 16.76
C MET B 154 -3.68 -8.28 16.47
N PRO B 155 -3.41 -8.55 15.19
CA PRO B 155 -2.58 -9.71 14.87
C PRO B 155 -1.25 -9.63 15.60
N LEU B 156 -0.74 -10.75 16.07
CA LEU B 156 0.45 -10.74 16.90
C LEU B 156 1.72 -10.23 16.20
N PRO B 157 1.97 -10.61 14.92
CA PRO B 157 3.23 -10.13 14.35
C PRO B 157 3.35 -8.60 14.27
N ILE B 158 2.31 -7.92 13.77
CA ILE B 158 2.36 -6.44 13.69
C ILE B 158 2.30 -5.80 15.10
N ALA B 159 1.47 -6.34 15.99
CA ALA B 159 1.40 -5.80 17.37
C ALA B 159 2.75 -5.83 18.05
N LEU B 160 3.47 -6.95 17.92
CA LEU B 160 4.77 -7.06 18.54
C LEU B 160 5.79 -6.15 17.84
N ALA B 161 5.71 -6.06 16.49
CA ALA B 161 6.61 -5.20 15.74
C ALA B 161 6.46 -3.75 16.19
N HIS B 162 5.22 -3.31 16.34
CA HIS B 162 4.93 -1.94 16.78
C HIS B 162 5.32 -1.69 18.23
N ARG B 163 5.09 -2.66 19.12
CA ARG B 163 5.52 -2.51 20.51
C ARG B 163 7.05 -2.35 20.57
N LEU B 164 7.76 -3.12 19.75
CA LEU B 164 9.22 -3.01 19.72
C LEU B 164 9.69 -1.67 19.14
N SER B 165 9.10 -1.21 18.04
CA SER B 165 9.53 0.07 17.46
C SER B 165 9.21 1.25 18.41
N ARG B 166 8.07 1.18 19.10
CA ARG B 166 7.74 2.20 20.11
C ARG B 166 8.73 2.20 21.26
N ARG B 167 9.06 1.01 21.74
CA ARG B 167 10.01 0.89 22.85
C ARG B 167 11.43 1.32 22.45
N LEU B 168 11.81 1.03 21.21
CA LEU B 168 13.09 1.47 20.66
C LEU B 168 13.24 3.00 20.70
N THR B 169 12.20 3.69 20.27
CA THR B 169 12.17 5.15 20.34
C THR B 169 12.14 5.61 21.80
N GLU B 170 11.31 4.95 22.60
CA GLU B 170 11.16 5.34 24.01
C GLU B 170 12.49 5.37 24.76
N VAL B 171 13.32 4.34 24.57
CA VAL B 171 14.58 4.25 25.32
C VAL B 171 15.64 5.27 24.83
N ARG B 172 15.47 5.76 23.61
CA ARG B 172 16.27 6.86 23.12
C ARG B 172 15.84 8.16 23.79
N LYS B 173 14.55 8.46 23.75
CA LYS B 173 14.04 9.75 24.18
C LYS B 173 14.09 9.93 25.70
N ASN B 174 13.96 8.83 26.45
CA ASN B 174 13.94 8.89 27.91
C ASN B 174 15.34 8.77 28.53
N GLY B 175 16.37 8.69 27.67
CA GLY B 175 17.75 8.68 28.14
C GLY B 175 18.32 7.34 28.58
N VAL B 176 17.51 6.28 28.54
CA VAL B 176 17.97 4.94 28.94
C VAL B 176 19.11 4.47 28.02
N LEU B 177 18.93 4.65 26.71
CA LEU B 177 19.99 4.37 25.73
C LEU B 177 20.21 5.64 24.89
N PRO B 178 20.93 6.60 25.46
CA PRO B 178 21.02 7.93 24.85
C PRO B 178 21.89 7.99 23.59
N TYR B 179 22.66 6.95 23.32
CA TYR B 179 23.47 6.89 22.10
C TYR B 179 22.66 6.51 20.85
N LEU B 180 21.39 6.15 21.02
CA LEU B 180 20.56 5.80 19.88
C LEU B 180 20.22 7.05 19.09
N ARG B 181 19.97 6.84 17.80
CA ARG B 181 19.54 7.90 16.90
C ARG B 181 18.18 7.53 16.24
N PRO B 182 17.55 8.47 15.52
CA PRO B 182 16.12 8.23 15.26
C PRO B 182 15.71 7.06 14.36
N ASP B 183 16.45 6.81 13.29
CA ASP B 183 16.01 5.86 12.27
C ASP B 183 16.11 4.44 12.81
N GLY B 184 15.12 3.62 12.48
CA GLY B 184 15.08 2.24 12.95
C GLY B 184 13.93 1.43 12.38
N LYS B 185 14.05 0.11 12.52
CA LYS B 185 13.11 -0.83 11.93
C LYS B 185 13.08 -2.08 12.80
N THR B 186 11.88 -2.64 12.98
CA THR B 186 11.73 -3.90 13.66
C THR B 186 11.02 -4.91 12.76
N GLN B 187 11.41 -6.18 12.88
CA GLN B 187 10.75 -7.25 12.15
C GLN B 187 10.53 -8.42 13.09
N VAL B 188 9.36 -9.04 12.99
CA VAL B 188 8.95 -10.11 13.88
C VAL B 188 8.42 -11.27 13.03
N THR B 189 8.99 -12.46 13.25
CA THR B 189 8.55 -13.71 12.62
C THR B 189 8.08 -14.69 13.70
N ILE B 190 6.83 -15.13 13.57
CA ILE B 190 6.19 -16.02 14.54
C ILE B 190 5.72 -17.28 13.83
N GLU B 191 5.89 -18.42 14.49
CA GLU B 191 5.35 -19.69 14.00
C GLU B 191 3.99 -19.94 14.64
N PHE B 192 3.04 -20.33 13.79
CA PHE B 192 1.69 -20.69 14.20
C PHE B 192 1.45 -22.16 13.89
N GLU B 193 0.88 -22.86 14.87
CA GLU B 193 0.48 -24.26 14.71
C GLU B 193 -1.02 -24.33 14.99
N ASP B 194 -1.78 -24.77 13.99
CA ASP B 194 -3.25 -24.81 14.10
C ASP B 194 -3.82 -23.46 14.60
N ASP B 195 -3.29 -22.37 14.05
CA ASP B 195 -3.73 -21.00 14.36
C ASP B 195 -3.27 -20.42 15.71
N VAL B 196 -2.57 -21.20 16.51
CA VAL B 196 -2.07 -20.71 17.79
C VAL B 196 -0.63 -20.21 17.58
N PRO B 197 -0.32 -18.99 18.02
CA PRO B 197 1.07 -18.53 17.98
C PRO B 197 1.89 -19.24 19.03
N VAL B 198 2.79 -20.12 18.61
CA VAL B 198 3.50 -21.01 19.54
C VAL B 198 4.96 -20.65 19.75
N ARG B 199 5.55 -19.89 18.84
CA ARG B 199 6.97 -19.66 18.88
C ARG B 199 7.33 -18.34 18.23
N LEU B 200 8.12 -17.55 18.95
CA LEU B 200 8.74 -16.35 18.39
C LEU B 200 10.05 -16.78 17.72
N ASP B 201 10.04 -16.78 16.39
CA ASP B 201 11.12 -17.39 15.62
C ASP B 201 12.32 -16.45 15.54
N THR B 202 12.07 -15.23 15.08
CA THR B 202 13.11 -14.26 14.84
C THR B 202 12.61 -12.86 15.19
N VAL B 203 13.48 -12.09 15.82
CA VAL B 203 13.27 -10.65 15.96
C VAL B 203 14.48 -9.94 15.37
N VAL B 204 14.24 -9.05 14.42
CA VAL B 204 15.29 -8.19 13.89
C VAL B 204 15.04 -6.78 14.37
N ILE B 205 16.05 -6.19 15.01
CA ILE B 205 15.98 -4.78 15.41
C ILE B 205 17.18 -4.06 14.78
N SER B 206 16.86 -3.12 13.90
CA SER B 206 17.87 -2.31 13.25
CA SER B 206 17.85 -2.31 13.22
C SER B 206 17.69 -0.88 13.74
N THR B 207 18.76 -0.29 14.25
CA THR B 207 18.66 1.05 14.82
C THR B 207 19.89 1.87 14.50
N GLN B 208 19.63 3.14 14.19
CA GLN B 208 20.70 4.15 14.11
C GLN B 208 21.31 4.41 15.50
N HIS B 209 22.60 4.76 15.53
CA HIS B 209 23.30 4.97 16.78
C HIS B 209 24.54 5.84 16.55
N ALA B 210 25.10 6.33 17.66
CA ALA B 210 26.36 7.11 17.64
C ALA B 210 27.54 6.27 17.11
N ALA B 211 28.51 6.95 16.51
CA ALA B 211 29.64 6.26 15.86
C ALA B 211 30.51 5.42 16.81
N ASP B 212 30.59 5.82 18.08
CA ASP B 212 31.53 5.16 19.01
C ASP B 212 31.06 3.83 19.62
N ILE B 213 29.87 3.36 19.24
CA ILE B 213 29.23 2.25 19.96
C ILE B 213 29.65 0.86 19.46
N ASP B 214 29.98 0.00 20.42
CA ASP B 214 30.38 -1.37 20.15
C ASP B 214 29.13 -2.22 19.88
N LEU B 215 29.01 -2.74 18.67
CA LEU B 215 27.79 -3.43 18.26
C LEU B 215 27.58 -4.73 19.05
N GLU B 216 28.62 -5.53 19.18
CA GLU B 216 28.50 -6.83 19.86
C GLU B 216 28.39 -6.71 21.38
N ASN B 217 29.15 -5.80 21.98
CA ASN B 217 29.26 -5.75 23.44
C ASN B 217 28.45 -4.65 24.10
N THR B 218 27.92 -3.72 23.32
CA THR B 218 27.06 -2.67 23.90
C THR B 218 25.66 -2.72 23.27
N LEU B 219 25.58 -2.48 21.96
CA LEU B 219 24.26 -2.32 21.31
C LEU B 219 23.42 -3.58 21.47
N THR B 220 23.97 -4.73 21.13
CA THR B 220 23.16 -5.95 21.13
C THR B 220 22.62 -6.30 22.52
N PRO B 221 23.49 -6.34 23.55
CA PRO B 221 22.93 -6.65 24.87
C PRO B 221 21.97 -5.60 25.43
N ASP B 222 22.23 -4.31 25.11
CA ASP B 222 21.36 -3.21 25.59
C ASP B 222 19.98 -3.33 24.93
N ILE B 223 19.98 -3.62 23.64
CA ILE B 223 18.71 -3.79 22.92
C ILE B 223 17.95 -5.01 23.44
N ARG B 224 18.65 -6.12 23.64
CA ARG B 224 18.01 -7.30 24.22
C ARG B 224 17.36 -6.98 25.57
N GLU B 225 18.10 -6.32 26.46
CA GLU B 225 17.61 -6.06 27.82
C GLU B 225 16.53 -4.98 27.85
N LYS B 226 16.78 -3.85 27.20
CA LYS B 226 15.94 -2.67 27.38
C LYS B 226 14.75 -2.62 26.40
N VAL B 227 14.85 -3.32 25.27
CA VAL B 227 13.80 -3.26 24.24
C VAL B 227 13.10 -4.60 24.08
N LEU B 228 13.84 -5.65 23.72
CA LEU B 228 13.19 -6.96 23.53
C LEU B 228 12.56 -7.48 24.81
N ASN B 229 13.36 -7.58 25.87
CA ASN B 229 12.90 -8.22 27.09
C ASN B 229 11.75 -7.48 27.75
N THR B 230 11.81 -6.14 27.75
CA THR B 230 10.75 -5.34 28.37
C THR B 230 9.43 -5.47 27.64
N VAL B 231 9.49 -5.51 26.31
CA VAL B 231 8.29 -5.68 25.51
C VAL B 231 7.70 -7.07 25.73
N LEU B 232 8.54 -8.10 25.73
CA LEU B 232 8.02 -9.44 25.95
C LEU B 232 7.35 -9.58 27.34
N ASN B 233 7.95 -8.96 28.35
CA ASN B 233 7.38 -9.01 29.68
CA ASN B 233 7.40 -8.97 29.70
C ASN B 233 6.07 -8.21 29.78
N ASP B 234 6.00 -7.08 29.08
CA ASP B 234 4.75 -6.29 29.00
C ASP B 234 3.63 -7.13 28.40
N LEU B 235 3.93 -7.78 27.28
CA LEU B 235 2.94 -8.56 26.55
C LEU B 235 2.47 -9.76 27.33
N ALA B 236 3.43 -10.47 27.94
CA ALA B 236 3.12 -11.62 28.80
C ALA B 236 2.25 -12.63 28.07
N HIS B 237 2.63 -12.94 26.83
CA HIS B 237 1.79 -13.80 25.99
C HIS B 237 1.78 -15.23 26.53
N ASP B 238 0.59 -15.83 26.60
CA ASP B 238 0.35 -17.14 27.23
CA ASP B 238 0.39 -17.13 27.24
C ASP B 238 0.87 -18.35 26.44
N THR B 239 1.04 -18.22 25.12
CA THR B 239 1.47 -19.37 24.28
C THR B 239 2.75 -19.16 23.50
N LEU B 240 3.16 -17.91 23.32
CA LEU B 240 4.33 -17.59 22.51
C LEU B 240 5.64 -17.94 23.26
N ASP B 241 6.28 -19.04 22.87
CA ASP B 241 7.57 -19.43 23.45
C ASP B 241 8.69 -18.58 22.85
N THR B 242 9.39 -17.83 23.70
CA THR B 242 10.49 -16.95 23.26
C THR B 242 11.89 -17.47 23.69
N SER B 243 11.95 -18.69 24.22
CA SER B 243 13.21 -19.21 24.79
C SER B 243 14.31 -19.46 23.75
N SER B 244 13.93 -19.64 22.47
CA SER B 244 14.90 -19.86 21.40
CA SER B 244 14.91 -19.86 21.39
C SER B 244 14.82 -18.78 20.32
N THR B 245 14.25 -17.63 20.66
CA THR B 245 14.15 -16.54 19.69
C THR B 245 15.54 -16.16 19.15
N ARG B 246 15.65 -16.09 17.82
CA ARG B 246 16.82 -15.57 17.17
C ARG B 246 16.69 -14.06 17.10
N LEU B 247 17.44 -13.38 17.95
CA LEU B 247 17.48 -11.92 17.93
C LEU B 247 18.67 -11.49 17.11
N LEU B 248 18.42 -10.63 16.14
CA LEU B 248 19.47 -10.02 15.34
C LEU B 248 19.36 -8.51 15.51
N VAL B 249 20.44 -7.90 15.96
CA VAL B 249 20.51 -6.46 16.14
C VAL B 249 21.48 -5.92 15.10
N ASN B 250 21.02 -4.97 14.28
CA ASN B 250 21.80 -4.43 13.17
C ASN B 250 22.58 -5.51 12.43
N PRO B 251 21.88 -6.49 11.83
CA PRO B 251 22.62 -7.56 11.15
C PRO B 251 23.53 -7.07 10.01
N THR B 252 23.22 -5.93 9.40
CA THR B 252 24.07 -5.39 8.34
C THR B 252 25.15 -4.41 8.84
N GLY B 253 25.32 -4.29 10.16
CA GLY B 253 26.44 -3.56 10.74
C GLY B 253 26.08 -2.15 11.21
N LYS B 254 27.10 -1.30 11.25
CA LYS B 254 26.97 0.07 11.74
C LYS B 254 25.88 0.84 10.99
N PHE B 255 25.18 1.70 11.72
CA PHE B 255 24.04 2.47 11.21
C PHE B 255 24.17 3.84 11.88
N VAL B 256 25.08 4.69 11.37
CA VAL B 256 25.40 5.96 12.04
C VAL B 256 24.63 7.14 11.47
N VAL B 257 24.55 7.18 10.15
CA VAL B 257 23.73 8.17 9.46
C VAL B 257 22.47 7.48 8.98
N GLY B 258 21.37 8.22 8.96
CA GLY B 258 20.10 7.64 8.60
C GLY B 258 19.16 8.70 8.15
N GLY B 259 17.87 8.37 8.16
CA GLY B 259 16.86 9.30 7.74
C GLY B 259 16.93 9.47 6.23
N PRO B 260 16.68 10.69 5.75
CA PRO B 260 16.67 10.89 4.29
C PRO B 260 18.05 10.80 3.62
N MET B 261 19.13 10.82 4.42
CA MET B 261 20.50 10.80 3.91
C MET B 261 20.72 9.55 3.09
N GLY B 262 21.05 9.73 1.83
CA GLY B 262 21.35 8.64 0.92
C GLY B 262 20.13 7.78 0.69
N ASP B 263 18.97 8.41 0.68
CA ASP B 263 17.73 7.68 0.63
C ASP B 263 16.64 8.67 0.14
N ALA B 264 15.40 8.24 0.18
CA ALA B 264 14.28 9.13 -0.10
C ALA B 264 13.08 8.54 0.59
N GLY B 265 12.20 9.41 1.08
CA GLY B 265 10.93 8.98 1.64
C GLY B 265 9.79 9.74 0.99
N LEU B 266 8.59 9.16 1.06
CA LEU B 266 7.37 9.83 0.64
C LEU B 266 6.22 9.47 1.59
N THR B 267 5.24 10.35 1.65
CA THR B 267 4.00 10.10 2.39
C THR B 267 3.26 8.91 1.79
N GLY B 268 2.70 8.06 2.66
CA GLY B 268 1.81 6.99 2.23
C GLY B 268 2.49 5.79 1.60
N ARG B 269 3.75 5.54 1.97
CA ARG B 269 4.50 4.39 1.48
C ARG B 269 4.70 3.30 2.53
N LYS B 270 3.94 3.36 3.62
CA LYS B 270 4.01 2.37 4.69
C LYS B 270 2.60 1.97 5.14
N ILE B 271 1.72 1.77 4.16
CA ILE B 271 0.30 1.56 4.47
C ILE B 271 0.01 0.23 5.16
N ILE B 272 0.84 -0.78 4.91
CA ILE B 272 0.69 -2.08 5.56
C ILE B 272 1.23 -2.02 7.03
N VAL B 273 2.34 -1.30 7.25
CA VAL B 273 2.82 -0.97 8.61
C VAL B 273 1.77 -0.17 9.39
N ASP B 274 1.14 0.77 8.72
CA ASP B 274 0.09 1.60 9.31
C ASP B 274 -1.14 0.86 9.78
N THR B 275 -1.35 -0.33 9.25
CA THR B 275 -2.62 -1.04 9.42
C THR B 275 -2.38 -2.38 10.13
N TYR B 276 -2.37 -3.49 9.38
CA TYR B 276 -2.38 -4.81 10.01
C TYR B 276 -1.18 -5.70 9.66
N GLY B 277 -0.15 -5.11 9.04
CA GLY B 277 1.11 -5.81 8.81
C GLY B 277 1.11 -6.95 7.83
N GLY B 278 0.09 -6.99 6.96
CA GLY B 278 -0.07 -8.01 5.92
C GLY B 278 -1.04 -9.09 6.30
N TRP B 279 -1.46 -9.10 7.57
CA TRP B 279 -2.33 -10.17 8.06
C TRP B 279 -3.78 -10.05 7.50
N ALA B 280 -4.22 -8.82 7.26
CA ALA B 280 -5.58 -8.52 6.77
C ALA B 280 -5.52 -7.93 5.39
N ARG B 281 -6.66 -7.94 4.70
CA ARG B 281 -6.80 -7.33 3.37
C ARG B 281 -6.94 -5.82 3.52
N HIS B 282 -6.50 -5.10 2.48
CA HIS B 282 -6.45 -3.64 2.45
C HIS B 282 -7.07 -3.20 1.13
N GLY B 283 -8.04 -2.32 1.20
CA GLY B 283 -8.76 -1.87 -0.01
C GLY B 283 -7.99 -0.83 -0.81
N GLY B 284 -6.95 -0.28 -0.20
CA GLY B 284 -6.09 0.71 -0.83
C GLY B 284 -6.32 2.07 -0.17
N GLY B 285 -5.33 2.93 -0.28
CA GLY B 285 -5.47 4.28 0.22
C GLY B 285 -4.62 4.48 1.45
N ALA B 286 -3.75 5.47 1.38
CA ALA B 286 -2.92 5.91 2.50
C ALA B 286 -3.72 6.86 3.40
N PHE B 287 -3.28 7.02 4.65
CA PHE B 287 -3.99 7.84 5.65
C PHE B 287 -3.44 9.26 5.77
N SER B 288 -2.11 9.39 5.91
CA SER B 288 -1.50 10.63 6.37
C SER B 288 -1.61 11.76 5.33
N GLY B 289 -1.83 12.98 5.82
CA GLY B 289 -2.00 14.15 4.96
C GLY B 289 -3.41 14.41 4.47
N LYS B 290 -4.34 13.56 4.89
CA LYS B 290 -5.75 13.62 4.47
C LYS B 290 -6.67 13.98 5.63
N ASP B 291 -7.50 15.00 5.44
CA ASP B 291 -8.50 15.33 6.43
C ASP B 291 -9.58 14.22 6.50
N PRO B 292 -10.35 14.17 7.61
CA PRO B 292 -11.32 13.07 7.81
C PRO B 292 -12.47 12.95 6.81
N SER B 293 -12.69 13.96 5.97
CA SER B 293 -13.66 13.83 4.88
C SER B 293 -13.24 12.78 3.84
N LYS B 294 -11.95 12.42 3.83
CA LYS B 294 -11.45 11.37 2.96
C LYS B 294 -11.85 10.01 3.51
N VAL B 295 -12.76 9.35 2.81
CA VAL B 295 -13.33 8.10 3.32
C VAL B 295 -12.26 7.02 3.46
N ASP B 296 -11.22 7.09 2.64
CA ASP B 296 -10.04 6.19 2.74
C ASP B 296 -9.44 6.17 4.15
N ARG B 297 -9.56 7.29 4.85
CA ARG B 297 -9.07 7.35 6.23
C ARG B 297 -10.21 7.07 7.20
N SER B 298 -11.24 7.91 7.20
CA SER B 298 -12.29 7.79 8.22
C SER B 298 -13.05 6.46 8.21
N ALA B 299 -13.38 5.92 7.04
CA ALA B 299 -14.10 4.63 6.95
C ALA B 299 -13.20 3.45 7.33
N ALA B 300 -11.91 3.52 7.03
CA ALA B 300 -10.94 2.51 7.50
C ALA B 300 -10.88 2.50 9.05
N TYR B 301 -10.85 3.69 9.63
CA TYR B 301 -10.89 3.82 11.08
C TYR B 301 -12.19 3.26 11.68
N ALA B 302 -13.32 3.60 11.06
CA ALA B 302 -14.61 3.06 11.48
C ALA B 302 -14.70 1.53 11.40
N MET B 303 -14.10 0.94 10.37
CA MET B 303 -14.09 -0.51 10.24
C MET B 303 -13.23 -1.20 11.29
N ARG B 304 -12.09 -0.60 11.67
CA ARG B 304 -11.31 -1.07 12.83
C ARG B 304 -12.14 -1.05 14.10
N TRP B 305 -12.83 0.05 14.32
CA TRP B 305 -13.70 0.24 15.48
C TRP B 305 -14.78 -0.86 15.53
N VAL B 306 -15.44 -1.09 14.41
CA VAL B 306 -16.45 -2.15 14.32
C VAL B 306 -15.85 -3.54 14.63
N ALA B 307 -14.78 -3.91 13.93
CA ALA B 307 -14.15 -5.21 14.15
C ALA B 307 -13.70 -5.43 15.60
N LYS B 308 -13.07 -4.42 16.19
CA LYS B 308 -12.56 -4.52 17.54
C LYS B 308 -13.69 -4.72 18.56
N ASN B 309 -14.81 -4.03 18.36
CA ASN B 309 -15.95 -4.18 19.24
C ASN B 309 -16.66 -5.52 19.08
N ILE B 310 -16.74 -6.03 17.84
CA ILE B 310 -17.27 -7.36 17.58
C ILE B 310 -16.49 -8.43 18.36
N VAL B 311 -15.17 -8.39 18.30
CA VAL B 311 -14.35 -9.37 19.02
C VAL B 311 -14.44 -9.16 20.53
N ALA B 312 -14.36 -7.90 20.97
CA ALA B 312 -14.44 -7.58 22.40
C ALA B 312 -15.78 -8.00 23.02
N ALA B 313 -16.85 -7.96 22.21
CA ALA B 313 -18.19 -8.39 22.63
C ALA B 313 -18.38 -9.91 22.65
N GLY B 314 -17.34 -10.64 22.25
CA GLY B 314 -17.35 -12.10 22.29
C GLY B 314 -18.10 -12.76 21.16
N LEU B 315 -18.35 -12.03 20.08
CA LEU B 315 -19.13 -12.53 18.95
C LEU B 315 -18.29 -13.36 17.97
N ALA B 316 -16.98 -13.16 18.02
CA ALA B 316 -16.00 -13.93 17.22
C ALA B 316 -14.63 -13.77 17.87
N GLU B 317 -13.70 -14.68 17.57
CA GLU B 317 -12.32 -14.57 18.06
C GLU B 317 -11.47 -13.76 17.09
N ARG B 318 -11.86 -13.76 15.82
CA ARG B 318 -11.24 -12.91 14.82
C ARG B 318 -12.29 -12.56 13.78
N VAL B 319 -12.16 -11.37 13.17
CA VAL B 319 -13.13 -10.95 12.19
C VAL B 319 -12.52 -9.97 11.21
N GLU B 320 -12.87 -10.15 9.94
CA GLU B 320 -12.65 -9.17 8.91
C GLU B 320 -14.02 -8.56 8.60
N VAL B 321 -14.11 -7.23 8.64
CA VAL B 321 -15.33 -6.51 8.35
C VAL B 321 -15.12 -5.78 7.05
N GLN B 322 -16.10 -5.86 6.16
CA GLN B 322 -16.08 -5.17 4.86
C GLN B 322 -17.33 -4.31 4.71
N VAL B 323 -17.14 -3.03 4.42
CA VAL B 323 -18.24 -2.11 4.22
C VAL B 323 -18.27 -1.78 2.73
N ALA B 324 -19.48 -1.75 2.17
CA ALA B 324 -19.69 -1.40 0.75
C ALA B 324 -20.50 -0.10 0.68
N TYR B 325 -19.97 0.90 0.00
CA TYR B 325 -20.67 2.16 -0.25
C TYR B 325 -21.00 2.28 -1.74
N ALA B 326 -22.10 2.96 -2.03
CA ALA B 326 -22.48 3.26 -3.40
C ALA B 326 -22.61 4.77 -3.64
N ILE B 327 -22.31 5.20 -4.86
CA ILE B 327 -22.55 6.59 -5.26
C ILE B 327 -24.02 6.90 -5.08
N GLY B 328 -24.31 8.00 -4.38
CA GLY B 328 -25.67 8.50 -4.22
C GLY B 328 -26.36 8.08 -2.93
N LYS B 329 -25.68 7.27 -2.11
CA LYS B 329 -26.24 6.84 -0.83
C LYS B 329 -25.22 7.10 0.27
N ALA B 330 -25.66 7.74 1.35
CA ALA B 330 -24.77 8.02 2.48
C ALA B 330 -24.45 6.73 3.27
N ALA B 331 -25.50 6.02 3.67
CA ALA B 331 -25.33 4.80 4.44
C ALA B 331 -24.85 3.67 3.51
N PRO B 332 -24.09 2.71 4.08
CA PRO B 332 -23.59 1.60 3.27
C PRO B 332 -24.70 0.79 2.60
N VAL B 333 -24.39 0.27 1.42
CA VAL B 333 -25.33 -0.66 0.75
C VAL B 333 -25.03 -2.10 1.12
N GLY B 334 -23.92 -2.32 1.82
CA GLY B 334 -23.58 -3.65 2.30
C GLY B 334 -22.60 -3.60 3.47
N LEU B 335 -22.68 -4.63 4.31
CA LEU B 335 -21.79 -4.81 5.42
C LEU B 335 -21.60 -6.31 5.56
N PHE B 336 -20.37 -6.76 5.31
CA PHE B 336 -20.08 -8.17 5.21
C PHE B 336 -19.01 -8.53 6.21
N ILE B 337 -19.13 -9.70 6.82
CA ILE B 337 -18.08 -10.12 7.73
C ILE B 337 -17.60 -11.52 7.40
N GLU B 338 -16.35 -11.77 7.76
CA GLU B 338 -15.76 -13.09 7.72
C GLU B 338 -15.19 -13.37 9.12
N THR B 339 -15.63 -14.46 9.74
CA THR B 339 -15.19 -14.80 11.09
C THR B 339 -14.27 -16.03 11.10
N PHE B 340 -13.99 -16.59 9.92
CA PHE B 340 -12.98 -17.64 9.79
C PHE B 340 -13.25 -18.82 10.72
N GLY B 341 -14.52 -19.19 10.84
CA GLY B 341 -14.95 -20.29 11.70
C GLY B 341 -14.95 -20.02 13.20
N THR B 342 -14.75 -18.77 13.62
CA THR B 342 -14.63 -18.45 15.05
C THR B 342 -15.86 -17.74 15.65
N ALA B 343 -16.93 -17.59 14.88
CA ALA B 343 -18.12 -16.91 15.37
C ALA B 343 -18.82 -17.70 16.46
N THR B 344 -19.34 -17.00 17.46
CA THR B 344 -20.11 -17.64 18.53
C THR B 344 -21.61 -17.45 18.32
N VAL B 345 -21.98 -16.65 17.32
CA VAL B 345 -23.36 -16.53 16.88
C VAL B 345 -23.36 -16.53 15.36
N ASP B 346 -24.53 -16.69 14.75
CA ASP B 346 -24.64 -16.71 13.28
C ASP B 346 -24.04 -15.44 12.67
N PRO B 347 -22.99 -15.58 11.82
CA PRO B 347 -22.44 -14.41 11.14
C PRO B 347 -23.50 -13.56 10.41
N VAL B 348 -24.58 -14.18 9.93
CA VAL B 348 -25.67 -13.42 9.30
C VAL B 348 -26.30 -12.45 10.32
N LYS B 349 -26.41 -12.89 11.57
CA LYS B 349 -26.95 -12.07 12.64
C LYS B 349 -26.01 -10.90 12.97
N ILE B 350 -24.71 -11.18 13.02
CA ILE B 350 -23.71 -10.12 13.22
C ILE B 350 -23.83 -9.08 12.11
N GLU B 351 -23.91 -9.54 10.86
CA GLU B 351 -24.06 -8.65 9.70
C GLU B 351 -25.30 -7.77 9.81
N LYS B 352 -26.38 -8.33 10.35
CA LYS B 352 -27.63 -7.62 10.49
C LYS B 352 -27.55 -6.52 11.56
N ILE B 353 -26.92 -6.82 12.68
CA ILE B 353 -26.91 -5.88 13.81
C ILE B 353 -25.87 -4.78 13.67
N VAL B 354 -24.81 -5.00 12.90
CA VAL B 354 -23.78 -3.98 12.80
C VAL B 354 -24.30 -2.62 12.33
N PRO B 355 -25.05 -2.57 11.23
CA PRO B 355 -25.58 -1.27 10.77
C PRO B 355 -26.73 -0.73 11.62
N GLU B 356 -27.30 -1.55 12.49
CA GLU B 356 -28.30 -1.06 13.48
C GLU B 356 -27.60 -0.33 14.64
N VAL B 357 -26.46 -0.88 15.05
CA VAL B 357 -25.71 -0.40 16.19
C VAL B 357 -24.72 0.70 15.81
N PHE B 358 -24.09 0.58 14.65
CA PHE B 358 -23.17 1.59 14.16
C PHE B 358 -23.78 2.41 13.03
N ASP B 359 -23.63 3.72 13.11
CA ASP B 359 -24.08 4.62 12.05
C ASP B 359 -22.89 4.92 11.12
N LEU B 360 -22.85 4.22 9.99
CA LEU B 360 -21.69 4.21 9.10
C LEU B 360 -21.80 5.22 7.96
N ARG B 361 -22.74 6.15 8.09
CA ARG B 361 -22.72 7.33 7.21
C ARG B 361 -21.45 8.15 7.51
N PRO B 362 -20.75 8.61 6.48
CA PRO B 362 -19.48 9.33 6.70
C PRO B 362 -19.62 10.49 7.68
N GLY B 363 -20.69 11.29 7.54
CA GLY B 363 -20.93 12.41 8.46
C GLY B 363 -21.13 11.97 9.91
N ALA B 364 -21.78 10.82 10.09
CA ALA B 364 -21.97 10.25 11.43
C ALA B 364 -20.68 9.72 12.02
N ILE B 365 -19.83 9.09 11.21
CA ILE B 365 -18.54 8.59 11.70
C ILE B 365 -17.71 9.77 12.18
N ILE B 366 -17.70 10.84 11.40
CA ILE B 366 -16.93 12.03 11.77
C ILE B 366 -17.41 12.64 13.09
N ARG B 367 -18.73 12.77 13.26
CA ARG B 367 -19.30 13.29 14.51
C ARG B 367 -19.04 12.36 15.70
N ASP B 368 -19.38 11.10 15.53
CA ASP B 368 -19.38 10.13 16.63
C ASP B 368 -17.99 9.81 17.15
N LEU B 369 -17.01 9.74 16.23
CA LEU B 369 -15.62 9.58 16.61
C LEU B 369 -14.90 10.91 16.91
N ASP B 370 -15.57 12.04 16.67
CA ASP B 370 -15.05 13.38 16.96
C ASP B 370 -13.73 13.58 16.20
N LEU B 371 -13.80 13.43 14.89
CA LEU B 371 -12.63 13.42 14.02
C LEU B 371 -12.11 14.81 13.59
N LEU B 372 -12.87 15.88 13.84
CA LEU B 372 -12.46 17.22 13.39
C LEU B 372 -11.63 17.93 14.47
N ARG B 373 -10.51 17.30 14.83
CA ARG B 373 -9.64 17.75 15.90
C ARG B 373 -8.22 17.39 15.48
N PRO B 374 -7.22 18.09 16.04
CA PRO B 374 -5.81 17.83 15.71
C PRO B 374 -5.27 16.60 16.46
N ILE B 375 -5.69 15.43 16.00
CA ILE B 375 -5.35 14.15 16.63
C ILE B 375 -4.52 13.23 15.72
N TYR B 376 -4.04 13.73 14.59
CA TYR B 376 -3.48 12.86 13.54
C TYR B 376 -1.96 12.73 13.52
N ALA B 377 -1.21 13.73 13.97
CA ALA B 377 0.25 13.61 13.94
C ALA B 377 0.70 12.39 14.75
N GLN B 378 0.02 12.12 15.86
CA GLN B 378 0.34 10.98 16.71
C GLN B 378 0.13 9.60 16.03
N THR B 379 -0.73 9.55 15.03
CA THR B 379 -1.02 8.33 14.28
C THR B 379 0.02 7.98 13.21
N ALA B 380 0.88 8.93 12.87
CA ALA B 380 1.77 8.85 11.70
C ALA B 380 2.99 7.96 11.85
N ALA B 381 3.25 7.45 13.05
CA ALA B 381 4.22 6.36 13.23
C ALA B 381 3.70 5.41 14.29
N TYR B 382 4.15 4.17 14.24
CA TYR B 382 3.84 3.14 15.25
C TYR B 382 2.45 2.49 15.06
N GLY B 383 1.79 2.78 13.94
CA GLY B 383 0.54 2.13 13.54
C GLY B 383 -0.65 3.01 13.88
N HIS B 384 -1.69 2.93 13.08
CA HIS B 384 -2.93 3.64 13.38
C HIS B 384 -3.86 2.80 14.25
N PHE B 385 -3.61 1.50 14.27
CA PHE B 385 -4.46 0.54 14.97
C PHE B 385 -3.72 -0.21 16.08
N GLY B 386 -4.41 -0.46 17.19
CA GLY B 386 -3.86 -1.28 18.25
C GLY B 386 -2.91 -0.55 19.17
N ARG B 387 -2.94 0.77 19.16
CA ARG B 387 -1.98 1.54 19.94
C ARG B 387 -2.18 1.36 21.44
N THR B 388 -1.10 1.02 22.15
CA THR B 388 -1.13 0.85 23.62
C THR B 388 -0.62 2.08 24.39
N ASP B 389 -0.10 3.08 23.65
CA ASP B 389 0.52 4.28 24.22
C ASP B 389 -0.36 5.53 24.19
N VAL B 390 -1.38 5.50 23.33
CA VAL B 390 -2.30 6.61 23.14
C VAL B 390 -3.71 6.03 22.96
N GLU B 391 -4.71 6.82 23.34
CA GLU B 391 -6.12 6.42 23.24
C GLU B 391 -6.71 7.08 22.01
N LEU B 392 -7.08 6.27 21.02
CA LEU B 392 -7.66 6.79 19.78
C LEU B 392 -9.16 6.43 19.73
N PRO B 393 -9.98 7.29 19.11
CA PRO B 393 -11.46 7.08 19.15
C PRO B 393 -11.92 5.77 18.55
N TRP B 394 -11.27 5.39 17.44
CA TRP B 394 -11.61 4.13 16.73
C TRP B 394 -11.10 2.86 17.44
N GLU B 395 -10.42 3.00 18.57
CA GLU B 395 -9.99 1.86 19.39
C GLU B 395 -10.81 1.71 20.67
N GLN B 396 -11.79 2.58 20.89
CA GLN B 396 -12.61 2.52 22.11
C GLN B 396 -13.61 1.38 22.04
N LEU B 397 -13.79 0.67 23.15
CA LEU B 397 -14.70 -0.46 23.21
C LEU B 397 -16.05 -0.01 23.76
N ASN B 398 -16.52 1.12 23.26
CA ASN B 398 -17.75 1.74 23.73
C ASN B 398 -19.02 1.26 23.01
N LYS B 399 -18.87 0.26 22.13
CA LYS B 399 -20.01 -0.35 21.46
C LYS B 399 -20.24 -1.81 21.82
N VAL B 400 -19.45 -2.33 22.76
CA VAL B 400 -19.61 -3.71 23.19
C VAL B 400 -20.99 -3.91 23.82
N ASP B 401 -21.36 -3.03 24.73
CA ASP B 401 -22.69 -3.12 25.37
C ASP B 401 -23.81 -3.07 24.34
N ASP B 402 -23.72 -2.15 23.38
CA ASP B 402 -24.73 -2.02 22.32
C ASP B 402 -24.86 -3.30 21.50
N LEU B 403 -23.74 -3.90 21.14
CA LEU B 403 -23.77 -5.16 20.40
C LEU B 403 -24.44 -6.28 21.19
N LYS B 404 -24.07 -6.39 22.46
CA LYS B 404 -24.66 -7.41 23.34
C LYS B 404 -26.16 -7.24 23.53
N ARG B 405 -26.63 -6.00 23.63
CA ARG B 405 -28.08 -5.77 23.68
C ARG B 405 -28.80 -6.13 22.37
N ALA B 406 -28.09 -6.12 21.23
CA ALA B 406 -28.72 -6.31 19.91
C ALA B 406 -28.80 -7.78 19.52
N ILE B 407 -27.94 -8.60 20.10
CA ILE B 407 -28.00 -10.04 19.94
C ILE B 407 -29.27 -10.60 20.56
CA CA C . -17.19 -19.16 -21.96
CA CA D . 7.69 -26.32 -18.34
UNL UNL E . 12.03 5.00 -0.68
UNL UNL F . -2.68 12.63 -4.31
C1 GOL G . -16.75 -12.06 -2.65
O1 GOL G . -16.09 -11.31 -1.66
C2 GOL G . -16.73 -13.55 -2.31
O2 GOL G . -15.73 -13.80 -1.33
C3 GOL G . -16.55 -14.42 -3.55
O3 GOL G . -15.76 -15.59 -3.34
C1 EDO H . 12.86 -12.72 27.68
O1 EDO H . 13.30 -14.01 28.12
C2 EDO H . 12.29 -11.95 28.87
O2 EDO H . 11.07 -12.55 29.31
CA CA I . -22.26 1.94 24.49
CA CA J . -32.07 -7.08 23.12
#